data_9S8V
#
_entry.id   9S8V
#
_cell.length_a   173.454
_cell.length_b   66.605
_cell.length_c   119.754
_cell.angle_alpha   90.000
_cell.angle_beta   121.430
_cell.angle_gamma   90.000
#
_symmetry.space_group_name_H-M   'C 1 2 1'
#
loop_
_entity.id
_entity.type
_entity.pdbx_description
1 polymer 'Protein BRASSINOSTEROID INSENSITIVE 1'
2 branched 2-acetamido-2-deoxy-beta-D-glucopyranose-(1-4)-2-acetamido-2-deoxy-beta-D-glucopyranose
3 branched beta-D-mannopyranose-(1-4)-2-acetamido-2-deoxy-beta-D-glucopyranose-(1-4)-2-acetamido-2-deoxy-beta-D-glucopyranose
4 branched 2-acetamido-2-deoxy-beta-D-glucopyranose-(1-4)-[alpha-L-fucopyranose-(1-6)]2-acetamido-2-deoxy-beta-D-glucopyranose
5 branched alpha-D-mannopyranose-(1-3)-beta-D-mannopyranose-(1-4)-2-acetamido-2-deoxy-beta-D-glucopyranose-(1-4)-2-acetamido-2-deoxy-beta-D-glucopyranose
6 non-polymer 24-Epibrassinolide
7 non-polymer 1,2-ETHANEDIOL
8 non-polymer 2-acetamido-2-deoxy-beta-D-glucopyranose
9 water water
#
_entity_poly.entity_id   1
_entity_poly.type   'polypeptide(L)'
_entity_poly.pdbx_seq_one_letter_code
;MKTFSSFFLSVTTLFFFSFFSLSFQASPSQSLYREIHQLISFKDVLPDKNLLPDWSSNKNPCTFDGVTCRDDKVTSIDLS
SKPLNVGFSAVSSSLLSLTGLESLFLSNSHINGSVSGFKCSASLTSLDLSRNSLSGPVTTLTSLGSCSGLKFLNVSSNTL
DFPGKVSGGLKLNSLEVLDLSANSISGANVVGWVLSDGCGELKHLAISGNKISGDVDVSRCVNLEFLDVSSNNFSTGIPF
LGDCSALQHLDISGNKLSGDFSRAISTCTELKLLNISSNQFVGPIPPLPLKSLQYLSLAENKFTGEIPDFLSGACDTLTG
LDLSGNHFYGAVPPFFGSCSLLESLALSSNNFSGELPMDTLLKMRGLKVLDLSFNEFSGELPESLTNLSASLLTLDLSSN
NFSGPILPNLCQNPKNTLQELYLQNNGFTGKIPPTLSNCSELVSLHLSFNYLSGTIPSSLGSLSKLRDLKLWLNMLEGEI
PQELMYVKTLETLILDFNDLTGEIPSGLSNCTNLNWISLSNNRLTGEIPKWIGRLENLAILKLSNNSFSGNIPAELGDCR
SLIWLDLNTNLFNGTIPAAMFKQSGKIAANFIAGKRYVYIKNDGMKKECHGAGNLLEFQGIRSEQLNRLSTRNPCNITSR
VYGGHTSPTFDNNGSMMFLDMSYNMLSGYIPKEIGSMPYLFILNLGHNDISGSIPDEVGDLRGLNILDLSSNKLDGRIPQ
AMSALTMLTEIDLSNNNLSGPIPEMGQFETFPPAKFLNNPGLCGYPLPRCDPSNADGYAHHQRSHGRRAAAENLYFQ
;
_entity_poly.pdbx_strand_id   A
#
# COMPACT_ATOMS: atom_id res chain seq x y z
N GLN A 30 25.53 -34.37 35.08
CA GLN A 30 25.07 -33.30 34.20
C GLN A 30 23.74 -33.70 33.57
N SER A 31 23.68 -33.71 32.23
CA SER A 31 22.46 -34.12 31.52
C SER A 31 21.28 -33.27 31.97
N LEU A 32 20.44 -33.80 32.88
CA LEU A 32 19.29 -33.04 33.34
C LEU A 32 19.73 -31.82 34.13
N TYR A 33 20.49 -32.04 35.20
CA TYR A 33 21.03 -30.94 36.00
C TYR A 33 21.52 -29.81 35.11
N ARG A 34 22.37 -30.12 34.13
CA ARG A 34 22.82 -29.10 33.19
C ARG A 34 21.63 -28.49 32.44
N GLU A 35 20.81 -29.34 31.80
CA GLU A 35 19.71 -28.83 30.99
C GLU A 35 18.90 -27.77 31.73
N ILE A 36 18.48 -28.08 32.96
CA ILE A 36 17.63 -27.16 33.71
C ILE A 36 18.40 -25.91 34.12
N HIS A 37 19.62 -26.09 34.66
CA HIS A 37 20.39 -24.94 35.11
C HIS A 37 20.77 -24.03 33.95
N GLN A 38 20.99 -24.59 32.77
CA GLN A 38 21.31 -23.74 31.62
C GLN A 38 20.09 -22.91 31.20
N LEU A 39 18.90 -23.51 31.25
CA LEU A 39 17.70 -22.81 30.78
C LEU A 39 17.24 -21.75 31.77
N ILE A 40 17.28 -22.04 33.07
CA ILE A 40 16.85 -21.07 34.06
C ILE A 40 17.84 -19.91 34.13
N SER A 41 19.14 -20.19 34.00
CA SER A 41 20.11 -19.10 33.94
C SER A 41 19.77 -18.14 32.82
N PHE A 42 19.31 -18.65 31.68
CA PHE A 42 18.82 -17.76 30.63
C PHE A 42 17.61 -16.98 31.11
N LYS A 43 16.59 -17.69 31.59
CA LYS A 43 15.40 -17.01 32.11
C LYS A 43 15.77 -15.92 33.10
N ASP A 44 16.75 -16.19 33.97
CA ASP A 44 17.05 -15.26 35.05
C ASP A 44 17.76 -14.00 34.57
N VAL A 45 18.23 -13.95 33.32
CA VAL A 45 18.80 -12.72 32.78
C VAL A 45 17.79 -11.92 31.97
N LEU A 46 16.63 -12.49 31.64
CA LEU A 46 15.60 -11.73 30.95
C LEU A 46 15.20 -10.53 31.81
N PRO A 47 14.90 -9.38 31.19
CA PRO A 47 14.37 -8.26 31.98
C PRO A 47 12.96 -8.52 32.49
N ASP A 48 12.17 -9.33 31.78
CA ASP A 48 10.81 -9.67 32.16
C ASP A 48 10.75 -11.19 32.28
N LYS A 49 11.15 -11.69 33.46
CA LYS A 49 11.17 -13.13 33.68
C LYS A 49 9.78 -13.75 33.50
N ASN A 50 8.72 -12.94 33.62
CA ASN A 50 7.36 -13.41 33.37
C ASN A 50 7.16 -13.91 31.95
N LEU A 51 8.08 -13.61 31.02
CA LEU A 51 7.96 -14.10 29.66
C LEU A 51 8.12 -15.61 29.56
N LEU A 52 8.77 -16.23 30.53
CA LEU A 52 8.96 -17.67 30.59
C LEU A 52 8.35 -18.20 31.88
N PRO A 53 7.04 -18.05 32.06
CA PRO A 53 6.45 -18.27 33.38
C PRO A 53 6.50 -19.71 33.84
N ASP A 54 6.36 -20.68 32.94
CA ASP A 54 6.36 -22.08 33.33
C ASP A 54 7.74 -22.71 33.32
N TRP A 55 8.78 -21.97 32.91
CA TRP A 55 10.14 -22.38 33.21
C TRP A 55 10.41 -22.17 34.69
N SER A 56 10.96 -23.19 35.35
CA SER A 56 11.30 -23.03 36.76
C SER A 56 12.27 -24.14 37.16
N SER A 57 12.91 -23.93 38.31
CA SER A 57 13.86 -24.88 38.86
C SER A 57 13.13 -26.05 39.49
N ASN A 58 13.81 -27.18 39.58
CA ASN A 58 13.24 -28.41 40.13
C ASN A 58 11.94 -28.76 39.41
N LYS A 59 12.03 -28.84 38.08
CA LYS A 59 10.93 -29.18 37.19
C LYS A 59 11.52 -29.48 35.83
N ASN A 60 10.98 -30.49 35.16
CA ASN A 60 11.61 -31.01 33.95
C ASN A 60 11.39 -30.06 32.77
N PRO A 61 12.44 -29.66 32.05
CA PRO A 61 12.25 -28.72 30.93
C PRO A 61 11.34 -29.24 29.84
N CYS A 62 11.21 -30.56 29.70
CA CYS A 62 10.37 -31.13 28.65
C CYS A 62 8.89 -30.76 28.82
N THR A 63 8.52 -30.16 29.94
CA THR A 63 7.17 -29.68 30.16
C THR A 63 7.03 -28.18 29.91
N PHE A 64 8.09 -27.54 29.44
CA PHE A 64 8.11 -26.09 29.25
C PHE A 64 7.47 -25.70 27.93
N ASP A 65 6.69 -24.62 27.94
CA ASP A 65 6.28 -24.01 26.69
C ASP A 65 7.50 -23.46 25.97
N GLY A 66 7.56 -23.66 24.66
CA GLY A 66 8.71 -23.26 23.87
C GLY A 66 9.78 -24.32 23.73
N VAL A 67 9.66 -25.43 24.46
CA VAL A 67 10.65 -26.50 24.46
C VAL A 67 10.09 -27.70 23.72
N THR A 68 10.96 -28.39 22.98
CA THR A 68 10.62 -29.64 22.31
C THR A 68 11.60 -30.70 22.80
N CYS A 69 11.06 -31.88 23.16
CA CYS A 69 11.87 -32.95 23.71
C CYS A 69 11.63 -34.24 22.94
N ARG A 70 12.67 -35.07 22.91
CA ARG A 70 12.59 -36.44 22.42
CA ARG A 70 12.58 -36.45 22.43
C ARG A 70 13.26 -37.36 23.44
N ASP A 71 12.52 -38.36 23.92
CA ASP A 71 13.06 -39.33 24.87
C ASP A 71 13.56 -38.67 26.15
N ASP A 72 12.94 -37.55 26.54
CA ASP A 72 13.22 -36.85 27.78
C ASP A 72 14.48 -35.98 27.71
N LYS A 73 14.94 -35.65 26.51
CA LYS A 73 16.09 -34.81 26.30
C LYS A 73 15.71 -33.62 25.43
N VAL A 74 16.15 -32.43 25.82
CA VAL A 74 15.81 -31.23 25.06
C VAL A 74 16.46 -31.30 23.69
N THR A 75 15.67 -31.03 22.64
CA THR A 75 16.16 -31.02 21.28
C THR A 75 15.88 -29.73 20.52
N SER A 76 14.98 -28.89 21.00
CA SER A 76 14.69 -27.64 20.29
C SER A 76 14.03 -26.65 21.24
N ILE A 77 14.34 -25.37 21.04
CA ILE A 77 13.75 -24.28 21.81
C ILE A 77 13.22 -23.27 20.83
N ASP A 78 11.96 -22.88 20.98
CA ASP A 78 11.33 -21.87 20.14
C ASP A 78 10.79 -20.78 21.05
N LEU A 79 11.47 -19.64 21.09
CA LEU A 79 11.04 -18.49 21.85
C LEU A 79 10.74 -17.31 20.93
N SER A 80 10.38 -17.63 19.69
CA SER A 80 10.06 -16.61 18.69
C SER A 80 8.89 -15.74 19.16
N SER A 81 8.89 -14.49 18.70
CA SER A 81 7.81 -13.55 18.95
C SER A 81 7.63 -13.24 20.43
N LYS A 82 8.63 -13.55 21.24
CA LYS A 82 8.66 -13.15 22.64
C LYS A 82 9.71 -12.07 22.84
N PRO A 83 9.35 -10.91 23.40
CA PRO A 83 10.34 -9.81 23.55
C PRO A 83 11.34 -10.05 24.68
N LEU A 84 12.33 -10.90 24.41
CA LEU A 84 13.28 -11.29 25.45
C LEU A 84 14.16 -10.12 25.88
N ASN A 85 14.56 -9.28 24.92
CA ASN A 85 15.38 -8.09 25.21
C ASN A 85 16.67 -8.47 25.94
N VAL A 86 17.49 -9.29 25.26
CA VAL A 86 18.79 -9.70 25.78
C VAL A 86 19.79 -9.71 24.63
N GLY A 87 21.06 -9.59 24.98
CA GLY A 87 22.11 -9.68 23.98
C GLY A 87 22.37 -11.12 23.57
N PHE A 88 22.98 -11.26 22.39
CA PHE A 88 23.29 -12.60 21.89
C PHE A 88 24.19 -13.36 22.86
N SER A 89 25.08 -12.65 23.56
CA SER A 89 25.96 -13.33 24.51
C SER A 89 25.16 -14.14 25.53
N ALA A 90 23.98 -13.64 25.91
CA ALA A 90 23.12 -14.41 26.79
C ALA A 90 22.62 -15.69 26.12
N VAL A 91 22.47 -15.66 24.79
CA VAL A 91 21.97 -16.83 24.08
C VAL A 91 23.08 -17.85 23.86
N SER A 92 24.29 -17.39 23.55
CA SER A 92 25.37 -18.32 23.21
C SER A 92 25.80 -19.14 24.42
N SER A 93 25.91 -18.49 25.58
CA SER A 93 26.36 -19.20 26.77
C SER A 93 25.27 -20.09 27.35
N SER A 94 24.01 -19.63 27.32
CA SER A 94 22.93 -20.40 27.93
C SER A 94 22.39 -21.45 26.97
N LEU A 95 21.79 -21.03 25.86
CA LEU A 95 20.99 -21.92 25.04
C LEU A 95 21.81 -22.66 23.99
N LEU A 96 22.78 -21.99 23.35
CA LEU A 96 23.53 -22.63 22.28
C LEU A 96 24.56 -23.63 22.77
N SER A 97 24.98 -23.53 24.02
CA SER A 97 25.91 -24.49 24.59
C SER A 97 25.21 -25.72 25.15
N LEU A 98 23.88 -25.68 25.29
CA LEU A 98 23.11 -26.83 25.70
C LEU A 98 23.49 -28.06 24.88
N THR A 99 23.98 -29.09 25.55
CA THR A 99 24.41 -30.28 24.85
C THR A 99 23.20 -31.03 24.29
N GLY A 100 23.28 -31.42 23.02
CA GLY A 100 22.20 -32.12 22.36
C GLY A 100 21.13 -31.24 21.75
N LEU A 101 21.22 -29.93 21.93
CA LEU A 101 20.27 -29.03 21.27
C LEU A 101 20.47 -29.12 19.76
N GLU A 102 19.36 -29.30 19.02
CA GLU A 102 19.44 -29.46 17.59
C GLU A 102 18.92 -28.27 16.79
N SER A 103 18.06 -27.43 17.38
CA SER A 103 17.57 -26.26 16.69
C SER A 103 17.14 -25.21 17.71
N LEU A 104 17.50 -23.95 17.42
CA LEU A 104 17.13 -22.81 18.24
C LEU A 104 16.40 -21.82 17.35
N PHE A 105 15.18 -21.45 17.73
CA PHE A 105 14.40 -20.46 16.99
C PHE A 105 14.16 -19.26 17.90
N LEU A 106 14.72 -18.12 17.51
CA LEU A 106 14.60 -16.87 18.23
C LEU A 106 14.24 -15.75 17.28
N SER A 107 13.24 -16.00 16.44
CA SER A 107 12.84 -15.01 15.45
C SER A 107 11.95 -13.96 16.09
N ASN A 108 12.30 -12.70 15.90
CA ASN A 108 11.52 -11.58 16.46
C ASN A 108 11.44 -11.71 17.98
N SER A 109 12.62 -11.84 18.61
CA SER A 109 12.72 -12.06 20.05
C SER A 109 13.48 -10.94 20.74
N HIS A 110 13.64 -9.81 20.06
CA HIS A 110 14.29 -8.63 20.63
C HIS A 110 15.65 -9.00 21.22
N ILE A 111 16.43 -9.71 20.42
CA ILE A 111 17.83 -9.99 20.71
C ILE A 111 18.68 -8.94 19.99
N ASN A 112 19.56 -8.27 20.73
CA ASN A 112 20.52 -7.38 20.08
C ASN A 112 21.94 -7.84 20.41
N GLY A 113 22.91 -6.94 20.31
CA GLY A 113 24.30 -7.30 20.47
C GLY A 113 24.90 -7.77 19.16
N SER A 114 25.87 -8.67 19.23
CA SER A 114 26.47 -9.23 18.02
C SER A 114 27.15 -10.55 18.39
N VAL A 115 27.36 -11.37 17.35
CA VAL A 115 27.87 -12.73 17.53
C VAL A 115 29.36 -12.69 17.84
N SER A 116 29.79 -13.53 18.78
CA SER A 116 31.19 -13.72 19.10
C SER A 116 31.44 -15.21 19.22
N GLY A 117 32.65 -15.57 19.65
CA GLY A 117 32.97 -16.97 19.82
C GLY A 117 32.25 -17.59 21.01
N PHE A 118 32.08 -18.90 20.95
CA PHE A 118 31.41 -19.63 22.03
C PHE A 118 31.45 -21.14 21.80
N LYS A 119 31.44 -21.91 22.88
CA LYS A 119 31.25 -23.35 22.77
C LYS A 119 29.86 -23.63 22.20
N CYS A 120 29.82 -24.33 21.07
CA CYS A 120 28.58 -24.59 20.35
C CYS A 120 28.45 -26.10 20.19
N SER A 121 27.42 -26.68 20.82
CA SER A 121 27.25 -28.12 20.79
C SER A 121 27.23 -28.61 19.34
N ALA A 122 27.87 -29.75 19.12
CA ALA A 122 27.97 -30.33 17.79
C ALA A 122 26.64 -30.83 17.25
N SER A 123 25.57 -30.76 18.03
CA SER A 123 24.26 -31.23 17.60
C SER A 123 23.42 -30.15 16.93
N LEU A 124 23.79 -28.88 17.12
CA LEU A 124 22.97 -27.79 16.61
C LEU A 124 23.04 -27.76 15.08
N THR A 125 21.87 -27.85 14.43
CA THR A 125 21.79 -27.87 12.99
C THR A 125 21.03 -26.69 12.39
N SER A 126 20.20 -26.00 13.18
CA SER A 126 19.44 -24.86 12.66
C SER A 126 19.39 -23.76 13.71
N LEU A 127 19.77 -22.55 13.30
CA LEU A 127 19.68 -21.35 14.14
C LEU A 127 18.92 -20.29 13.37
N ASP A 128 17.87 -19.75 13.97
CA ASP A 128 17.04 -18.72 13.36
C ASP A 128 17.05 -17.48 14.26
N LEU A 129 17.77 -16.45 13.83
CA LEU A 129 17.89 -15.19 14.56
C LEU A 129 17.34 -14.04 13.72
N SER A 130 16.25 -14.30 13.00
CA SER A 130 15.71 -13.30 12.08
C SER A 130 14.87 -12.27 12.83
N ARG A 131 14.67 -11.13 12.19
CA ARG A 131 13.82 -10.05 12.71
C ARG A 131 14.28 -9.63 14.11
N ASN A 132 15.59 -9.54 14.30
CA ASN A 132 16.18 -9.09 15.55
C ASN A 132 17.05 -7.87 15.27
N SER A 133 17.81 -7.46 16.29
CA SER A 133 18.66 -6.27 16.20
C SER A 133 20.13 -6.64 16.34
N LEU A 134 20.54 -7.75 15.75
CA LEU A 134 21.96 -8.07 15.71
C LEU A 134 22.68 -7.01 14.88
N SER A 135 23.88 -6.64 15.31
CA SER A 135 24.59 -5.53 14.70
C SER A 135 26.05 -5.92 14.48
N GLY A 136 26.78 -5.03 13.80
CA GLY A 136 28.19 -5.23 13.55
C GLY A 136 28.46 -5.81 12.17
N PRO A 137 29.74 -5.91 11.81
CA PRO A 137 30.09 -6.48 10.51
C PRO A 137 29.62 -7.92 10.40
N VAL A 138 29.18 -8.28 9.18
CA VAL A 138 28.75 -9.65 8.89
C VAL A 138 29.87 -10.65 9.15
N THR A 139 31.11 -10.20 9.27
CA THR A 139 32.21 -11.09 9.62
C THR A 139 32.05 -11.68 11.02
N THR A 140 31.22 -11.08 11.88
CA THR A 140 30.92 -11.70 13.16
C THR A 140 30.40 -13.12 12.98
N LEU A 141 29.64 -13.36 11.89
CA LEU A 141 29.02 -14.65 11.69
C LEU A 141 30.05 -15.76 11.46
N THR A 142 31.29 -15.40 11.16
CA THR A 142 32.31 -16.44 10.95
C THR A 142 32.50 -17.26 12.21
N SER A 143 32.31 -16.66 13.39
CA SER A 143 32.48 -17.39 14.64
C SER A 143 31.38 -18.43 14.88
N LEU A 144 30.33 -18.46 14.06
CA LEU A 144 29.38 -19.56 14.13
C LEU A 144 29.97 -20.87 13.62
N GLY A 145 31.20 -20.84 13.10
CA GLY A 145 31.89 -22.06 12.69
C GLY A 145 32.18 -23.00 13.84
N SER A 146 32.13 -22.50 15.08
CA SER A 146 32.21 -23.38 16.23
C SER A 146 31.04 -24.36 16.30
N CYS A 147 30.01 -24.15 15.49
CA CYS A 147 28.88 -25.07 15.38
C CYS A 147 29.14 -25.97 14.17
N SER A 148 29.95 -27.01 14.39
CA SER A 148 30.40 -27.85 13.29
C SER A 148 29.24 -28.43 12.49
N GLY A 149 28.07 -28.58 13.11
CA GLY A 149 26.92 -29.15 12.46
C GLY A 149 25.89 -28.17 11.98
N LEU A 150 26.16 -26.86 12.07
CA LEU A 150 25.19 -25.85 11.65
C LEU A 150 24.98 -25.93 10.14
N LYS A 151 23.73 -26.14 9.72
CA LYS A 151 23.38 -26.23 8.31
C LYS A 151 22.33 -25.20 7.88
N PHE A 152 21.61 -24.58 8.82
CA PHE A 152 20.54 -23.63 8.50
C PHE A 152 20.77 -22.39 9.36
N LEU A 153 21.10 -21.28 8.72
CA LEU A 153 21.29 -20.00 9.41
C LEU A 153 20.40 -18.96 8.77
N ASN A 154 19.52 -18.36 9.57
CA ASN A 154 18.66 -17.26 9.15
C ASN A 154 18.98 -16.06 10.04
N VAL A 155 19.63 -15.05 9.46
CA VAL A 155 19.90 -13.82 10.21
C VAL A 155 19.29 -12.63 9.46
N SER A 156 18.22 -12.89 8.72
CA SER A 156 17.59 -11.83 7.93
C SER A 156 16.89 -10.83 8.84
N SER A 157 16.58 -9.67 8.27
CA SER A 157 15.91 -8.59 8.99
C SER A 157 16.63 -8.26 10.30
N ASN A 158 17.96 -8.15 10.21
CA ASN A 158 18.76 -7.60 11.30
C ASN A 158 19.44 -6.33 10.80
N THR A 159 20.58 -5.96 11.40
CA THR A 159 21.28 -4.73 11.04
C THR A 159 22.78 -4.98 10.85
N LEU A 160 23.14 -6.16 10.34
CA LEU A 160 24.54 -6.42 10.04
C LEU A 160 24.98 -5.61 8.82
N ASP A 161 26.16 -5.01 8.91
CA ASP A 161 26.74 -4.22 7.84
C ASP A 161 27.98 -4.91 7.29
N PHE A 162 28.63 -4.28 6.32
CA PHE A 162 29.80 -4.85 5.69
C PHE A 162 31.02 -4.02 6.00
N PRO A 163 32.12 -4.62 6.49
CA PRO A 163 33.34 -3.83 6.69
C PRO A 163 33.72 -3.11 5.41
N GLY A 164 34.01 -1.82 5.52
CA GLY A 164 34.34 -0.99 4.37
C GLY A 164 35.11 -1.74 3.30
N LYS A 165 36.00 -2.63 3.72
CA LYS A 165 36.82 -3.43 2.82
C LYS A 165 36.44 -4.90 2.90
N VAL A 166 36.57 -5.60 1.77
CA VAL A 166 36.29 -7.03 1.66
C VAL A 166 37.55 -7.79 2.05
N SER A 167 37.38 -8.87 2.82
CA SER A 167 38.53 -9.63 3.30
C SER A 167 38.10 -11.02 3.74
N GLY A 168 38.89 -12.02 3.35
CA GLY A 168 38.65 -13.37 3.82
C GLY A 168 37.39 -13.95 3.24
N GLY A 169 36.54 -14.48 4.11
CA GLY A 169 35.29 -15.07 3.69
C GLY A 169 34.38 -15.22 4.88
N LEU A 170 33.16 -15.71 4.61
CA LEU A 170 32.26 -16.08 5.70
C LEU A 170 32.77 -17.32 6.40
N LYS A 171 33.30 -18.28 5.64
CA LYS A 171 33.95 -19.46 6.20
C LYS A 171 32.96 -20.35 6.95
N LEU A 172 31.68 -20.29 6.56
CA LEU A 172 30.69 -21.25 7.01
C LEU A 172 30.30 -22.13 5.84
N ASN A 173 31.28 -22.87 5.30
CA ASN A 173 31.11 -23.65 4.09
C ASN A 173 30.45 -24.99 4.33
N SER A 174 29.85 -25.20 5.51
CA SER A 174 29.03 -26.37 5.77
C SER A 174 27.53 -26.09 5.64
N LEU A 175 27.15 -24.81 5.56
CA LEU A 175 25.73 -24.48 5.51
C LEU A 175 25.09 -25.03 4.24
N GLU A 176 23.84 -25.47 4.39
CA GLU A 176 22.98 -25.76 3.25
C GLU A 176 21.98 -24.65 2.97
N VAL A 177 21.68 -23.81 3.97
CA VAL A 177 20.69 -22.75 3.85
C VAL A 177 21.20 -21.53 4.60
N LEU A 178 21.24 -20.38 3.91
CA LEU A 178 21.78 -19.15 4.46
C LEU A 178 20.93 -17.99 3.99
N ASP A 179 20.36 -17.24 4.93
CA ASP A 179 19.50 -16.09 4.62
C ASP A 179 20.07 -14.87 5.31
N LEU A 180 20.72 -13.99 4.54
CA LEU A 180 21.28 -12.74 5.02
C LEU A 180 20.43 -11.54 4.61
N SER A 181 19.17 -11.76 4.25
CA SER A 181 18.36 -10.72 3.62
C SER A 181 17.99 -9.63 4.62
N ALA A 182 17.72 -8.44 4.09
CA ALA A 182 17.12 -7.34 4.86
C ALA A 182 18.03 -6.89 5.99
N ASN A 183 19.34 -6.88 5.73
CA ASN A 183 20.28 -6.28 6.67
C ASN A 183 20.67 -4.90 6.17
N SER A 184 21.84 -4.40 6.58
CA SER A 184 22.34 -3.12 6.09
C SER A 184 23.62 -3.30 5.30
N ILE A 185 23.74 -4.44 4.63
CA ILE A 185 24.97 -4.82 3.95
C ILE A 185 25.06 -4.05 2.63
N SER A 186 26.01 -3.12 2.56
CA SER A 186 26.34 -2.42 1.33
C SER A 186 27.81 -2.68 1.02
N GLY A 187 28.09 -3.11 -0.21
CA GLY A 187 29.45 -3.43 -0.57
C GLY A 187 29.51 -3.96 -1.99
N ALA A 188 30.68 -4.49 -2.34
CA ALA A 188 30.96 -5.01 -3.67
C ALA A 188 31.58 -6.40 -3.54
N ASN A 189 31.07 -7.35 -4.31
CA ASN A 189 31.54 -8.74 -4.26
C ASN A 189 31.42 -9.30 -2.85
N VAL A 190 30.38 -8.87 -2.12
CA VAL A 190 30.03 -9.51 -0.86
C VAL A 190 29.64 -10.96 -1.10
N VAL A 191 28.89 -11.21 -2.18
CA VAL A 191 28.53 -12.58 -2.54
C VAL A 191 29.78 -13.44 -2.68
N GLY A 192 30.77 -12.92 -3.41
CA GLY A 192 32.06 -13.60 -3.45
C GLY A 192 32.61 -13.87 -2.07
N TRP A 193 32.43 -12.93 -1.14
CA TRP A 193 32.92 -13.11 0.22
C TRP A 193 32.19 -14.25 0.92
N VAL A 194 30.85 -14.26 0.86
CA VAL A 194 30.08 -15.31 1.51
C VAL A 194 30.56 -16.69 1.05
N LEU A 195 30.96 -16.81 -0.21
CA LEU A 195 31.22 -18.09 -0.83
C LEU A 195 32.70 -18.38 -1.00
N SER A 196 33.58 -17.46 -0.60
CA SER A 196 35.01 -17.58 -0.89
C SER A 196 35.52 -18.98 -0.55
N ASP A 197 35.41 -19.37 0.72
CA ASP A 197 36.01 -20.60 1.20
C ASP A 197 35.19 -21.83 0.90
N GLY A 198 34.22 -21.74 -0.02
CA GLY A 198 33.53 -22.91 -0.51
C GLY A 198 32.02 -22.86 -0.31
N CYS A 199 31.30 -23.49 -1.25
CA CYS A 199 29.84 -23.54 -1.15
C CYS A 199 29.30 -24.86 -1.69
N GLY A 200 30.11 -25.92 -1.63
CA GLY A 200 29.67 -27.21 -2.17
C GLY A 200 28.34 -27.66 -1.62
N GLU A 201 28.11 -27.40 -0.33
CA GLU A 201 26.90 -27.85 0.35
C GLU A 201 25.72 -26.90 0.19
N LEU A 202 25.95 -25.65 -0.20
CA LEU A 202 24.89 -24.66 -0.20
C LEU A 202 23.77 -25.05 -1.16
N LYS A 203 22.53 -25.05 -0.66
CA LYS A 203 21.36 -25.31 -1.48
C LYS A 203 20.43 -24.12 -1.59
N HIS A 204 20.53 -23.16 -0.68
CA HIS A 204 19.59 -22.04 -0.63
C HIS A 204 20.33 -20.82 -0.11
N LEU A 205 20.38 -19.76 -0.92
CA LEU A 205 21.09 -18.54 -0.60
C LEU A 205 20.19 -17.35 -0.91
N ALA A 206 19.72 -16.67 0.13
CA ALA A 206 18.97 -15.43 0.00
C ALA A 206 19.80 -14.28 0.56
N ILE A 207 19.86 -13.17 -0.18
CA ILE A 207 20.58 -11.98 0.27
C ILE A 207 19.79 -10.77 -0.21
N SER A 208 18.47 -10.90 -0.31
CA SER A 208 17.68 -9.80 -0.82
C SER A 208 17.66 -8.66 0.19
N GLY A 209 17.16 -7.50 -0.25
CA GLY A 209 16.91 -6.40 0.66
C GLY A 209 18.15 -5.76 1.24
N ASN A 210 19.26 -5.84 0.54
CA ASN A 210 20.51 -5.20 0.94
C ASN A 210 20.88 -4.17 -0.13
N LYS A 211 22.07 -3.60 0.01
CA LYS A 211 22.59 -2.69 -1.01
C LYS A 211 23.89 -3.26 -1.58
N ILE A 212 23.86 -4.53 -1.96
CA ILE A 212 25.02 -5.23 -2.50
C ILE A 212 25.09 -5.00 -3.99
N SER A 213 26.32 -4.84 -4.49
CA SER A 213 26.59 -4.64 -5.90
C SER A 213 27.66 -5.64 -6.33
N GLY A 214 28.04 -5.55 -7.60
CA GLY A 214 29.17 -6.31 -8.08
C GLY A 214 28.78 -7.57 -8.82
N ASP A 215 29.54 -8.64 -8.58
CA ASP A 215 29.39 -9.88 -9.32
C ASP A 215 28.88 -10.99 -8.42
N VAL A 216 28.13 -11.91 -9.03
CA VAL A 216 27.56 -13.06 -8.35
C VAL A 216 28.03 -14.30 -9.11
N ASP A 217 28.94 -15.06 -8.49
CA ASP A 217 29.52 -16.25 -9.10
C ASP A 217 29.16 -17.45 -8.22
N VAL A 218 28.02 -18.07 -8.52
CA VAL A 218 27.57 -19.26 -7.79
C VAL A 218 27.82 -20.49 -8.64
N SER A 219 28.82 -20.43 -9.52
CA SER A 219 29.10 -21.57 -10.39
C SER A 219 29.77 -22.71 -9.66
N ARG A 220 30.41 -22.44 -8.52
CA ARG A 220 31.01 -23.50 -7.72
C ARG A 220 30.03 -24.10 -6.73
N CYS A 221 28.84 -23.52 -6.57
CA CYS A 221 27.80 -24.06 -5.71
C CYS A 221 26.93 -24.99 -6.54
N VAL A 222 27.46 -26.18 -6.81
CA VAL A 222 26.84 -27.10 -7.77
C VAL A 222 25.46 -27.58 -7.32
N ASN A 223 25.15 -27.49 -6.04
CA ASN A 223 23.88 -27.92 -5.50
C ASN A 223 22.91 -26.78 -5.25
N LEU A 224 23.30 -25.54 -5.54
CA LEU A 224 22.43 -24.40 -5.33
C LEU A 224 21.11 -24.60 -6.05
N GLU A 225 20.01 -24.57 -5.30
CA GLU A 225 18.68 -24.66 -5.87
C GLU A 225 17.89 -23.37 -5.80
N PHE A 226 18.28 -22.44 -4.94
CA PHE A 226 17.50 -21.23 -4.66
C PHE A 226 18.46 -20.07 -4.50
N LEU A 227 18.33 -19.06 -5.37
CA LEU A 227 19.16 -17.86 -5.30
C LEU A 227 18.27 -16.63 -5.35
N ASP A 228 18.24 -15.86 -4.27
CA ASP A 228 17.47 -14.61 -4.16
C ASP A 228 18.45 -13.46 -3.92
N VAL A 229 18.87 -12.80 -4.99
CA VAL A 229 19.70 -11.60 -4.86
C VAL A 229 18.87 -10.38 -5.22
N SER A 230 17.56 -10.47 -5.02
CA SER A 230 16.65 -9.41 -5.43
C SER A 230 16.77 -8.21 -4.49
N SER A 231 16.24 -7.08 -4.95
CA SER A 231 16.22 -5.84 -4.17
C SER A 231 17.61 -5.53 -3.61
N ASN A 232 18.59 -5.59 -4.49
CA ASN A 232 19.95 -5.20 -4.16
C ASN A 232 20.39 -4.08 -5.08
N ASN A 233 21.70 -3.84 -5.16
CA ASN A 233 22.24 -2.74 -5.93
C ASN A 233 23.12 -3.25 -7.07
N PHE A 234 22.71 -4.36 -7.68
CA PHE A 234 23.47 -4.95 -8.77
C PHE A 234 23.18 -4.18 -10.06
N SER A 235 24.24 -3.67 -10.69
CA SER A 235 24.11 -2.86 -11.89
C SER A 235 25.09 -3.26 -12.99
N THR A 236 25.94 -4.25 -12.75
CA THR A 236 26.86 -4.72 -13.78
C THR A 236 26.29 -5.94 -14.48
N GLY A 237 26.98 -7.09 -14.37
CA GLY A 237 26.60 -8.25 -15.15
C GLY A 237 25.60 -9.15 -14.45
N ILE A 238 25.08 -10.11 -15.21
CA ILE A 238 24.12 -11.08 -14.69
C ILE A 238 24.90 -12.14 -13.92
N PRO A 239 24.35 -12.68 -12.83
CA PRO A 239 25.07 -13.71 -12.08
C PRO A 239 25.51 -14.87 -12.96
N PHE A 240 26.71 -15.37 -12.67
CA PHE A 240 27.26 -16.52 -13.38
C PHE A 240 26.85 -17.80 -12.66
N LEU A 241 26.25 -18.73 -13.39
CA LEU A 241 25.63 -19.91 -12.79
C LEU A 241 26.31 -21.22 -13.18
N GLY A 242 27.30 -21.19 -14.07
CA GLY A 242 28.00 -22.42 -14.41
C GLY A 242 27.08 -23.44 -15.03
N ASP A 243 27.20 -24.69 -14.58
CA ASP A 243 26.36 -25.75 -15.11
C ASP A 243 24.89 -25.52 -14.78
N CYS A 244 24.59 -24.82 -13.69
CA CYS A 244 23.21 -24.53 -13.30
C CYS A 244 22.39 -25.81 -13.22
N SER A 245 23.04 -26.91 -12.83
CA SER A 245 22.45 -28.24 -12.94
C SER A 245 21.40 -28.54 -11.89
N ALA A 246 21.22 -27.67 -10.90
CA ALA A 246 20.24 -27.88 -9.86
C ALA A 246 19.40 -26.65 -9.54
N LEU A 247 19.65 -25.52 -10.19
CA LEU A 247 18.97 -24.29 -9.82
C LEU A 247 17.51 -24.37 -10.21
N GLN A 248 16.61 -24.19 -9.24
CA GLN A 248 15.18 -24.20 -9.47
C GLN A 248 14.52 -22.85 -9.29
N HIS A 249 15.13 -21.97 -8.49
CA HIS A 249 14.56 -20.68 -8.16
C HIS A 249 15.63 -19.62 -8.39
N LEU A 250 15.34 -18.66 -9.27
CA LEU A 250 16.28 -17.59 -9.58
C LEU A 250 15.51 -16.27 -9.53
N ASP A 251 15.85 -15.42 -8.55
CA ASP A 251 15.20 -14.13 -8.34
C ASP A 251 16.30 -13.06 -8.35
N ILE A 252 16.39 -12.32 -9.46
CA ILE A 252 17.28 -11.18 -9.56
C ILE A 252 16.50 -9.87 -9.71
N SER A 253 15.23 -9.89 -9.34
CA SER A 253 14.38 -8.71 -9.48
C SER A 253 14.89 -7.58 -8.58
N GLY A 254 14.39 -6.38 -8.85
CA GLY A 254 14.66 -5.25 -7.98
C GLY A 254 16.08 -4.74 -8.02
N ASN A 255 16.69 -4.69 -9.21
CA ASN A 255 18.02 -4.13 -9.37
C ASN A 255 18.04 -3.17 -10.55
N LYS A 256 19.22 -2.78 -11.01
CA LYS A 256 19.34 -1.98 -12.21
C LYS A 256 20.12 -2.77 -13.26
N LEU A 257 19.66 -3.98 -13.54
CA LEU A 257 20.39 -4.90 -14.40
C LEU A 257 19.99 -4.70 -15.85
N SER A 258 20.96 -4.39 -16.70
CA SER A 258 20.81 -4.36 -18.14
C SER A 258 21.84 -5.33 -18.71
N GLY A 259 21.37 -6.39 -19.35
CA GLY A 259 22.31 -7.38 -19.85
C GLY A 259 21.60 -8.55 -20.49
N ASP A 260 22.37 -9.59 -20.76
CA ASP A 260 21.94 -10.76 -21.51
C ASP A 260 21.78 -11.92 -20.54
N PHE A 261 20.69 -11.88 -19.77
CA PHE A 261 20.40 -12.98 -18.85
C PHE A 261 20.12 -14.28 -19.60
N SER A 262 19.69 -14.18 -20.86
CA SER A 262 19.41 -15.39 -21.64
C SER A 262 20.63 -16.28 -21.74
N ARG A 263 21.79 -15.70 -22.07
CA ARG A 263 23.01 -16.49 -22.10
C ARG A 263 23.31 -17.10 -20.73
N ALA A 264 23.09 -16.32 -19.66
CA ALA A 264 23.45 -16.78 -18.33
C ALA A 264 22.59 -17.95 -17.86
N ILE A 265 21.32 -17.99 -18.25
CA ILE A 265 20.41 -19.04 -17.79
C ILE A 265 20.17 -20.11 -18.86
N SER A 266 20.94 -20.08 -19.95
CA SER A 266 20.64 -20.99 -21.06
C SER A 266 20.81 -22.45 -20.64
N THR A 267 21.85 -22.75 -19.88
CA THR A 267 22.11 -24.13 -19.44
C THR A 267 21.26 -24.53 -18.23
N CYS A 268 20.41 -23.63 -17.72
CA CYS A 268 19.64 -23.92 -16.51
C CYS A 268 18.49 -24.86 -16.87
N THR A 269 18.70 -26.15 -16.64
CA THR A 269 17.74 -27.16 -17.08
C THR A 269 16.53 -27.25 -16.17
N GLU A 270 16.69 -27.04 -14.86
CA GLU A 270 15.68 -27.36 -13.88
C GLU A 270 14.89 -26.14 -13.40
N LEU A 271 15.10 -24.97 -14.01
CA LEU A 271 14.55 -23.73 -13.46
C LEU A 271 13.03 -23.76 -13.45
N LYS A 272 12.44 -23.57 -12.26
CA LYS A 272 11.00 -23.54 -12.09
C LYS A 272 10.44 -22.13 -11.94
N LEU A 273 11.24 -21.20 -11.42
CA LEU A 273 10.80 -19.82 -11.22
C LEU A 273 11.91 -18.88 -11.66
N LEU A 274 11.55 -17.91 -12.50
CA LEU A 274 12.47 -16.89 -12.99
C LEU A 274 11.80 -15.53 -12.77
N ASN A 275 12.33 -14.75 -11.85
CA ASN A 275 11.83 -13.42 -11.56
C ASN A 275 12.94 -12.42 -11.83
N ILE A 276 12.81 -11.68 -12.94
CA ILE A 276 13.79 -10.67 -13.30
C ILE A 276 13.09 -9.32 -13.39
N SER A 277 11.98 -9.17 -12.68
CA SER A 277 11.18 -7.96 -12.79
C SER A 277 11.91 -6.78 -12.17
N SER A 278 11.42 -5.58 -12.47
CA SER A 278 11.94 -4.33 -11.92
C SER A 278 13.46 -4.23 -12.13
N ASN A 279 13.85 -4.20 -13.40
CA ASN A 279 15.24 -4.00 -13.79
C ASN A 279 15.28 -3.03 -14.96
N GLN A 280 16.45 -2.93 -15.60
CA GLN A 280 16.64 -2.05 -16.75
C GLN A 280 16.75 -2.85 -18.05
N PHE A 281 16.08 -4.00 -18.12
CA PHE A 281 16.16 -4.84 -19.30
C PHE A 281 15.39 -4.22 -20.46
N VAL A 282 15.92 -4.43 -21.68
CA VAL A 282 15.41 -3.80 -22.88
C VAL A 282 15.26 -4.86 -23.97
N GLY A 283 14.61 -4.47 -25.06
CA GLY A 283 14.55 -5.29 -26.24
C GLY A 283 13.42 -6.31 -26.20
N PRO A 284 13.39 -7.20 -27.20
CA PRO A 284 12.38 -8.26 -27.23
C PRO A 284 12.74 -9.39 -26.27
N ILE A 285 11.79 -10.29 -26.09
CA ILE A 285 11.93 -11.41 -25.15
C ILE A 285 12.96 -12.38 -25.71
N PRO A 286 14.11 -12.55 -25.06
CA PRO A 286 15.12 -13.50 -25.58
C PRO A 286 14.69 -14.94 -25.34
N PRO A 287 15.44 -15.90 -25.85
CA PRO A 287 15.09 -17.31 -25.61
C PRO A 287 15.33 -17.71 -24.16
N LEU A 288 14.59 -18.73 -23.73
CA LEU A 288 14.62 -19.17 -22.34
C LEU A 288 14.54 -20.69 -22.24
N PRO A 289 14.86 -21.25 -21.07
CA PRO A 289 14.61 -22.68 -20.85
C PRO A 289 13.24 -22.89 -20.22
N LEU A 290 12.34 -23.53 -20.95
CA LEU A 290 10.95 -23.70 -20.52
C LEU A 290 10.65 -25.11 -20.03
N LYS A 291 11.61 -26.03 -20.12
CA LYS A 291 11.32 -27.43 -19.88
C LYS A 291 10.80 -27.72 -18.48
N SER A 292 10.92 -26.77 -17.54
CA SER A 292 10.42 -26.98 -16.19
C SER A 292 9.87 -25.70 -15.57
N LEU A 293 9.53 -24.71 -16.39
CA LEU A 293 9.22 -23.38 -15.89
C LEU A 293 7.78 -23.30 -15.41
N GLN A 294 7.60 -22.91 -14.15
CA GLN A 294 6.29 -22.73 -13.55
C GLN A 294 5.91 -21.25 -13.38
N TYR A 295 6.84 -20.40 -12.94
CA TYR A 295 6.57 -18.98 -12.79
C TYR A 295 7.62 -18.18 -13.54
N LEU A 296 7.16 -17.12 -14.22
CA LEU A 296 8.03 -16.29 -15.04
C LEU A 296 7.51 -14.86 -14.98
N SER A 297 8.37 -13.93 -14.55
CA SER A 297 8.01 -12.52 -14.48
C SER A 297 9.09 -11.70 -15.16
N LEU A 298 8.70 -10.90 -16.14
CA LEU A 298 9.57 -9.89 -16.75
C LEU A 298 9.06 -8.49 -16.47
N ALA A 299 8.28 -8.31 -15.41
CA ALA A 299 7.55 -7.08 -15.21
C ALA A 299 8.48 -5.92 -14.89
N GLU A 300 8.00 -4.71 -15.20
CA GLU A 300 8.68 -3.47 -14.84
C GLU A 300 10.10 -3.44 -15.42
N ASN A 301 10.15 -3.56 -16.75
CA ASN A 301 11.40 -3.38 -17.49
C ASN A 301 11.05 -2.48 -18.68
N LYS A 302 11.86 -2.55 -19.73
CA LYS A 302 11.59 -1.81 -20.96
C LYS A 302 11.66 -2.75 -22.16
N PHE A 303 11.29 -4.01 -21.96
CA PHE A 303 11.18 -4.94 -23.07
C PHE A 303 10.22 -4.39 -24.12
N THR A 304 10.53 -4.66 -25.39
CA THR A 304 9.73 -4.21 -26.52
C THR A 304 9.26 -5.41 -27.32
N GLY A 305 8.41 -5.15 -28.31
CA GLY A 305 7.98 -6.19 -29.22
C GLY A 305 6.65 -6.80 -28.87
N GLU A 306 6.49 -8.09 -29.17
CA GLU A 306 5.21 -8.77 -29.07
C GLU A 306 5.46 -10.20 -28.61
N ILE A 307 4.56 -10.71 -27.79
CA ILE A 307 4.72 -12.02 -27.15
C ILE A 307 5.15 -13.04 -28.19
N PRO A 308 6.41 -13.47 -28.19
CA PRO A 308 6.85 -14.45 -29.20
C PRO A 308 6.06 -15.74 -29.11
N ASP A 309 6.07 -16.47 -30.22
CA ASP A 309 5.40 -17.78 -30.24
C ASP A 309 6.21 -18.86 -29.54
N PHE A 310 7.53 -18.69 -29.42
CA PHE A 310 8.35 -19.75 -28.85
C PHE A 310 7.99 -20.04 -27.40
N LEU A 311 7.27 -19.14 -26.74
CA LEU A 311 6.91 -19.36 -25.34
C LEU A 311 5.87 -20.45 -25.15
N SER A 312 5.24 -20.93 -26.22
CA SER A 312 4.30 -22.03 -26.10
C SER A 312 4.92 -23.22 -25.41
N GLY A 313 6.22 -23.44 -25.60
CA GLY A 313 6.89 -24.60 -25.03
C GLY A 313 6.77 -24.70 -23.53
N ALA A 314 6.38 -23.61 -22.85
CA ALA A 314 6.22 -23.63 -21.41
C ALA A 314 4.81 -23.99 -20.96
N CYS A 315 3.83 -23.89 -21.85
CA CYS A 315 2.45 -24.14 -21.46
C CYS A 315 2.27 -25.52 -20.83
N ASP A 316 3.23 -26.42 -21.00
CA ASP A 316 3.16 -27.72 -20.35
C ASP A 316 3.28 -27.59 -18.83
N THR A 317 3.90 -26.51 -18.34
CA THR A 317 4.21 -26.36 -16.93
C THR A 317 3.88 -24.99 -16.35
N LEU A 318 3.54 -24.00 -17.17
CA LEU A 318 3.53 -22.62 -16.70
C LEU A 318 2.33 -22.35 -15.82
N THR A 319 2.59 -21.87 -14.60
CA THR A 319 1.56 -21.55 -13.63
C THR A 319 1.27 -20.06 -13.52
N GLY A 320 2.31 -19.23 -13.63
CA GLY A 320 2.13 -17.79 -13.49
C GLY A 320 2.99 -17.01 -14.46
N LEU A 321 2.37 -16.05 -15.16
CA LEU A 321 3.07 -15.21 -16.12
C LEU A 321 2.82 -13.76 -15.77
N ASP A 322 3.89 -12.96 -15.79
CA ASP A 322 3.77 -11.53 -15.52
C ASP A 322 4.64 -10.79 -16.52
N LEU A 323 4.01 -10.13 -17.49
CA LEU A 323 4.67 -9.29 -18.46
C LEU A 323 4.35 -7.82 -18.27
N SER A 324 3.77 -7.46 -17.12
CA SER A 324 3.23 -6.12 -16.94
C SER A 324 4.34 -5.07 -16.92
N GLY A 325 3.96 -3.84 -17.30
CA GLY A 325 4.86 -2.71 -17.17
C GLY A 325 6.03 -2.73 -18.13
N ASN A 326 5.75 -2.80 -19.43
CA ASN A 326 6.78 -2.80 -20.46
C ASN A 326 6.25 -1.98 -21.63
N HIS A 327 6.77 -2.23 -22.82
CA HIS A 327 6.33 -1.57 -24.05
C HIS A 327 5.85 -2.57 -25.09
N PHE A 328 5.46 -3.77 -24.67
CA PHE A 328 4.96 -4.77 -25.60
C PHE A 328 3.73 -4.25 -26.33
N TYR A 329 3.44 -4.89 -27.46
CA TYR A 329 2.24 -4.58 -28.23
C TYR A 329 1.75 -5.86 -28.88
N GLY A 330 0.69 -5.75 -29.67
CA GLY A 330 0.03 -6.89 -30.27
C GLY A 330 -1.15 -7.35 -29.45
N ALA A 331 -1.65 -8.54 -29.80
CA ALA A 331 -2.77 -9.14 -29.12
C ALA A 331 -2.34 -10.46 -28.49
N VAL A 332 -3.08 -10.88 -27.48
CA VAL A 332 -2.80 -12.12 -26.75
C VAL A 332 -2.64 -13.24 -27.77
N PRO A 333 -1.43 -13.71 -28.05
CA PRO A 333 -1.27 -14.76 -29.05
C PRO A 333 -2.16 -15.95 -28.75
N PRO A 334 -2.43 -16.78 -29.76
CA PRO A 334 -3.47 -17.82 -29.60
C PRO A 334 -2.99 -19.08 -28.91
N PHE A 335 -1.69 -19.36 -28.90
CA PHE A 335 -1.18 -20.61 -28.33
C PHE A 335 -1.44 -20.71 -26.83
N PHE A 336 -1.89 -19.64 -26.18
CA PHE A 336 -2.15 -19.68 -24.74
C PHE A 336 -3.21 -20.69 -24.36
N GLY A 337 -3.95 -21.24 -25.33
CA GLY A 337 -4.92 -22.27 -25.00
C GLY A 337 -4.27 -23.52 -24.43
N SER A 338 -3.09 -23.87 -24.93
CA SER A 338 -2.35 -25.01 -24.39
C SER A 338 -1.90 -24.75 -22.95
N CYS A 339 -1.76 -23.49 -22.57
CA CYS A 339 -1.42 -23.14 -21.20
C CYS A 339 -2.57 -23.46 -20.26
N SER A 340 -2.89 -24.76 -20.15
CA SER A 340 -3.99 -25.20 -19.31
C SER A 340 -3.71 -24.96 -17.83
N LEU A 341 -2.44 -24.85 -17.44
CA LEU A 341 -2.06 -24.72 -16.05
C LEU A 341 -2.00 -23.27 -15.57
N LEU A 342 -1.96 -22.31 -16.49
CA LEU A 342 -1.75 -20.92 -16.12
C LEU A 342 -2.82 -20.44 -15.14
N GLU A 343 -2.41 -20.16 -13.89
CA GLU A 343 -3.34 -19.69 -12.88
C GLU A 343 -3.44 -18.17 -12.81
N SER A 344 -2.51 -17.44 -13.42
CA SER A 344 -2.54 -15.99 -13.35
C SER A 344 -1.85 -15.42 -14.58
N LEU A 345 -2.50 -14.47 -15.23
CA LEU A 345 -1.96 -13.81 -16.42
C LEU A 345 -2.01 -12.31 -16.19
N ALA A 346 -0.83 -11.72 -16.01
CA ALA A 346 -0.69 -10.28 -15.86
C ALA A 346 -0.04 -9.73 -17.12
N LEU A 347 -0.75 -8.83 -17.81
CA LEU A 347 -0.28 -8.24 -19.05
C LEU A 347 -0.46 -6.72 -19.03
N SER A 348 -0.52 -6.13 -17.85
CA SER A 348 -0.99 -4.76 -17.74
C SER A 348 0.12 -3.75 -18.00
N SER A 349 -0.29 -2.54 -18.35
CA SER A 349 0.61 -1.42 -18.58
C SER A 349 1.57 -1.73 -19.75
N ASN A 350 0.98 -2.06 -20.88
CA ASN A 350 1.71 -2.20 -22.13
C ASN A 350 0.94 -1.46 -23.22
N ASN A 351 1.10 -1.89 -24.47
CA ASN A 351 0.44 -1.28 -25.62
C ASN A 351 -0.35 -2.34 -26.38
N PHE A 352 -0.92 -3.30 -25.65
CA PHE A 352 -1.70 -4.36 -26.28
C PHE A 352 -3.00 -3.80 -26.85
N SER A 353 -3.50 -4.47 -27.89
CA SER A 353 -4.69 -4.03 -28.59
C SER A 353 -5.48 -5.25 -29.05
N GLY A 354 -6.64 -4.99 -29.63
CA GLY A 354 -7.48 -6.04 -30.18
C GLY A 354 -8.59 -6.42 -29.23
N GLU A 355 -9.68 -6.94 -29.80
CA GLU A 355 -10.79 -7.37 -28.98
C GLU A 355 -10.32 -8.42 -27.99
N LEU A 356 -11.12 -8.60 -26.94
CA LEU A 356 -10.79 -9.58 -25.92
C LEU A 356 -10.53 -10.93 -26.59
N PRO A 357 -9.27 -11.39 -26.62
CA PRO A 357 -8.99 -12.67 -27.29
C PRO A 357 -9.51 -13.87 -26.50
N MET A 358 -10.82 -13.88 -26.24
CA MET A 358 -11.38 -14.90 -25.36
C MET A 358 -11.39 -16.28 -26.02
N ASP A 359 -11.47 -16.33 -27.35
CA ASP A 359 -11.36 -17.60 -28.07
C ASP A 359 -10.27 -18.49 -27.46
N THR A 360 -9.27 -17.85 -26.85
CA THR A 360 -8.18 -18.55 -26.17
C THR A 360 -8.43 -18.70 -24.67
N LEU A 361 -8.87 -17.63 -24.01
CA LEU A 361 -8.93 -17.63 -22.55
C LEU A 361 -9.73 -18.80 -21.99
N LEU A 362 -10.81 -19.18 -22.66
CA LEU A 362 -11.70 -20.19 -22.11
C LEU A 362 -11.01 -21.54 -22.00
N LYS A 363 -9.99 -21.79 -22.83
CA LYS A 363 -9.22 -23.02 -22.69
C LYS A 363 -8.45 -23.06 -21.37
N MET A 364 -8.20 -21.90 -20.75
CA MET A 364 -7.47 -21.84 -19.49
C MET A 364 -8.37 -22.31 -18.36
N ARG A 365 -8.59 -23.62 -18.34
CA ARG A 365 -9.37 -24.25 -17.27
C ARG A 365 -8.96 -23.74 -15.89
N GLY A 366 -7.67 -23.47 -15.70
CA GLY A 366 -7.16 -23.16 -14.37
C GLY A 366 -7.01 -21.69 -14.06
N LEU A 367 -7.21 -20.82 -15.05
CA LEU A 367 -6.96 -19.40 -14.84
C LEU A 367 -7.79 -18.87 -13.68
N LYS A 368 -7.12 -18.15 -12.78
CA LYS A 368 -7.76 -17.59 -11.60
C LYS A 368 -7.51 -16.09 -11.42
N VAL A 369 -6.56 -15.51 -12.13
CA VAL A 369 -6.28 -14.08 -12.06
C VAL A 369 -6.03 -13.60 -13.48
N LEU A 370 -6.81 -12.62 -13.92
CA LEU A 370 -6.65 -12.05 -15.26
C LEU A 370 -6.54 -10.55 -15.16
N ASP A 371 -5.47 -9.99 -15.74
CA ASP A 371 -5.17 -8.57 -15.60
C ASP A 371 -4.63 -8.06 -16.93
N LEU A 372 -5.52 -7.46 -17.73
CA LEU A 372 -5.14 -6.81 -18.98
C LEU A 372 -5.22 -5.30 -18.87
N SER A 373 -5.20 -4.76 -17.66
CA SER A 373 -5.42 -3.34 -17.45
C SER A 373 -4.30 -2.51 -18.08
N PHE A 374 -4.64 -1.27 -18.45
CA PHE A 374 -3.67 -0.33 -19.02
C PHE A 374 -3.11 -0.85 -20.34
N ASN A 375 -4.02 -1.17 -21.25
CA ASN A 375 -3.68 -1.46 -22.65
C ASN A 375 -4.71 -0.73 -23.51
N GLU A 376 -4.84 -1.15 -24.77
CA GLU A 376 -5.84 -0.59 -25.68
C GLU A 376 -6.73 -1.68 -26.27
N PHE A 377 -6.93 -2.77 -25.54
CA PHE A 377 -7.89 -3.78 -25.96
C PHE A 377 -9.24 -3.13 -26.22
N SER A 378 -9.69 -3.19 -27.46
CA SER A 378 -10.88 -2.49 -27.91
C SER A 378 -12.04 -3.48 -28.07
N GLY A 379 -13.11 -3.01 -28.72
CA GLY A 379 -14.26 -3.86 -28.97
C GLY A 379 -15.10 -4.08 -27.74
N GLU A 380 -16.18 -4.84 -27.93
CA GLU A 380 -17.09 -5.15 -26.85
C GLU A 380 -16.61 -6.37 -26.09
N LEU A 381 -17.41 -6.78 -25.10
CA LEU A 381 -17.11 -7.97 -24.31
C LEU A 381 -17.81 -9.17 -24.94
N PRO A 382 -17.10 -10.06 -25.63
CA PRO A 382 -17.76 -11.25 -26.17
C PRO A 382 -18.58 -11.96 -25.11
N GLU A 383 -19.77 -12.43 -25.52
CA GLU A 383 -20.75 -12.93 -24.56
C GLU A 383 -20.27 -14.19 -23.83
N SER A 384 -19.30 -14.90 -24.37
CA SER A 384 -18.86 -16.15 -23.74
C SER A 384 -18.03 -15.91 -22.45
N LEU A 385 -17.93 -14.67 -21.94
CA LEU A 385 -17.17 -14.43 -20.72
C LEU A 385 -17.74 -15.21 -19.55
N THR A 386 -19.08 -15.32 -19.48
CA THR A 386 -19.73 -15.82 -18.28
C THR A 386 -19.22 -17.19 -17.86
N ASN A 387 -18.67 -17.96 -18.79
CA ASN A 387 -18.14 -19.28 -18.43
C ASN A 387 -16.94 -19.15 -17.51
N LEU A 388 -15.99 -18.28 -17.85
CA LEU A 388 -14.76 -18.15 -17.09
C LEU A 388 -14.99 -17.46 -15.74
N SER A 389 -16.19 -16.94 -15.49
CA SER A 389 -16.48 -16.26 -14.23
C SER A 389 -16.60 -17.21 -13.04
N ALA A 390 -16.56 -18.53 -13.27
CA ALA A 390 -16.61 -19.50 -12.19
C ALA A 390 -15.26 -20.13 -11.89
N SER A 391 -14.24 -19.86 -12.70
CA SER A 391 -12.87 -20.25 -12.40
C SER A 391 -11.99 -19.07 -12.03
N LEU A 392 -12.31 -17.87 -12.51
CA LEU A 392 -11.53 -16.68 -12.17
C LEU A 392 -11.85 -16.21 -10.77
N LEU A 393 -10.86 -15.55 -10.16
CA LEU A 393 -11.05 -14.83 -8.91
C LEU A 393 -10.85 -13.33 -9.05
N THR A 394 -10.09 -12.89 -10.05
CA THR A 394 -9.87 -11.48 -10.31
C THR A 394 -9.90 -11.25 -11.81
N LEU A 395 -10.75 -10.31 -12.23
CA LEU A 395 -10.82 -9.89 -13.63
C LEU A 395 -10.56 -8.40 -13.69
N ASP A 396 -9.49 -8.01 -14.37
CA ASP A 396 -9.07 -6.60 -14.43
C ASP A 396 -8.89 -6.20 -15.89
N LEU A 397 -9.90 -5.53 -16.43
CA LEU A 397 -9.85 -4.95 -17.77
C LEU A 397 -9.77 -3.43 -17.72
N SER A 398 -9.36 -2.87 -16.59
CA SER A 398 -9.44 -1.43 -16.38
C SER A 398 -8.45 -0.68 -17.27
N SER A 399 -8.78 0.57 -17.56
CA SER A 399 -7.89 1.47 -18.31
C SER A 399 -7.53 0.86 -19.67
N ASN A 400 -8.56 0.49 -20.43
CA ASN A 400 -8.38 0.00 -21.78
C ASN A 400 -9.15 0.91 -22.74
N ASN A 401 -9.51 0.38 -23.92
CA ASN A 401 -10.26 1.13 -24.90
C ASN A 401 -11.61 0.48 -25.21
N PHE A 402 -12.03 -0.49 -24.40
CA PHE A 402 -13.26 -1.21 -24.65
C PHE A 402 -14.44 -0.25 -24.76
N SER A 403 -15.51 -0.76 -25.38
CA SER A 403 -16.76 -0.05 -25.51
C SER A 403 -17.88 -1.07 -25.55
N GLY A 404 -19.06 -0.68 -25.09
CA GLY A 404 -20.21 -1.55 -25.11
C GLY A 404 -20.74 -1.83 -23.71
N PRO A 405 -21.80 -2.62 -23.63
CA PRO A 405 -22.46 -2.84 -22.35
C PRO A 405 -21.70 -3.80 -21.45
N ILE A 406 -21.83 -3.58 -20.15
CA ILE A 406 -21.39 -4.57 -19.17
C ILE A 406 -22.32 -5.76 -19.29
N LEU A 407 -21.80 -6.88 -19.80
CA LEU A 407 -22.64 -8.02 -20.15
C LEU A 407 -23.61 -8.35 -19.02
N PRO A 408 -24.93 -8.26 -19.26
CA PRO A 408 -25.87 -8.58 -18.17
C PRO A 408 -25.80 -10.03 -17.75
N ASN A 409 -25.66 -10.95 -18.71
CA ASN A 409 -25.60 -12.37 -18.35
C ASN A 409 -24.37 -12.70 -17.51
N LEU A 410 -23.45 -11.76 -17.33
CA LEU A 410 -22.27 -12.00 -16.51
C LEU A 410 -22.66 -12.65 -15.18
N CYS A 411 -21.82 -13.56 -14.71
CA CYS A 411 -22.07 -14.32 -13.49
C CYS A 411 -23.41 -15.04 -13.57
N GLN A 412 -23.66 -15.69 -14.71
CA GLN A 412 -24.79 -16.60 -14.84
C GLN A 412 -24.41 -18.00 -14.40
N ASN A 413 -23.25 -18.48 -14.84
CA ASN A 413 -22.69 -19.75 -14.41
C ASN A 413 -22.63 -19.79 -12.89
N PRO A 414 -23.56 -20.49 -12.23
CA PRO A 414 -23.58 -20.44 -10.76
C PRO A 414 -22.30 -20.97 -10.16
N LYS A 415 -22.14 -20.71 -8.86
CA LYS A 415 -20.86 -20.90 -8.16
C LYS A 415 -19.83 -19.88 -8.63
N ASN A 416 -20.29 -18.71 -9.09
CA ASN A 416 -19.41 -17.64 -9.50
C ASN A 416 -18.45 -17.30 -8.36
N THR A 417 -17.17 -17.58 -8.55
CA THR A 417 -16.17 -17.34 -7.52
C THR A 417 -15.49 -15.98 -7.63
N LEU A 418 -15.83 -15.20 -8.65
CA LEU A 418 -15.15 -13.93 -8.90
C LEU A 418 -15.17 -13.05 -7.65
N GLN A 419 -13.99 -12.56 -7.26
CA GLN A 419 -13.83 -11.72 -6.08
C GLN A 419 -13.59 -10.26 -6.39
N GLU A 420 -13.06 -9.93 -7.56
CA GLU A 420 -12.74 -8.55 -7.91
C GLU A 420 -13.07 -8.30 -9.37
N LEU A 421 -13.79 -7.22 -9.65
CA LEU A 421 -14.13 -6.82 -11.01
C LEU A 421 -13.68 -5.39 -11.24
N TYR A 422 -12.82 -5.18 -12.23
CA TYR A 422 -12.26 -3.85 -12.54
C TYR A 422 -12.47 -3.58 -14.02
N LEU A 423 -13.45 -2.72 -14.34
CA LEU A 423 -13.73 -2.33 -15.71
C LEU A 423 -13.66 -0.82 -15.91
N GLN A 424 -12.97 -0.11 -15.02
CA GLN A 424 -12.99 1.34 -15.04
C GLN A 424 -12.08 1.91 -16.12
N ASN A 425 -12.41 3.12 -16.55
CA ASN A 425 -11.65 3.84 -17.58
C ASN A 425 -11.66 3.09 -18.91
N ASN A 426 -12.88 2.90 -19.43
CA ASN A 426 -13.08 2.28 -20.73
C ASN A 426 -14.13 3.13 -21.46
N GLY A 427 -14.77 2.54 -22.47
CA GLY A 427 -15.86 3.19 -23.15
C GLY A 427 -17.19 2.48 -22.93
N PHE A 428 -17.32 1.84 -21.77
CA PHE A 428 -18.51 1.04 -21.49
C PHE A 428 -19.72 1.94 -21.27
N THR A 429 -20.82 1.60 -21.92
CA THR A 429 -22.07 2.35 -21.87
C THR A 429 -23.20 1.43 -21.41
N GLY A 430 -24.32 2.06 -21.05
CA GLY A 430 -25.51 1.32 -20.66
C GLY A 430 -25.65 1.21 -19.15
N LYS A 431 -26.78 0.64 -18.75
CA LYS A 431 -27.10 0.50 -17.34
C LYS A 431 -26.12 -0.45 -16.65
N ILE A 432 -25.97 -0.26 -15.35
CA ILE A 432 -25.20 -1.17 -14.50
C ILE A 432 -25.99 -2.45 -14.37
N PRO A 433 -25.50 -3.59 -14.87
CA PRO A 433 -26.29 -4.82 -14.82
C PRO A 433 -26.66 -5.19 -13.40
N PRO A 434 -27.93 -5.51 -13.12
CA PRO A 434 -28.26 -6.01 -11.79
C PRO A 434 -27.83 -7.45 -11.59
N THR A 435 -27.57 -8.19 -12.67
CA THR A 435 -27.06 -9.55 -12.55
C THR A 435 -25.76 -9.61 -11.77
N LEU A 436 -25.04 -8.50 -11.65
CA LEU A 436 -23.79 -8.48 -10.89
C LEU A 436 -23.99 -8.94 -9.46
N SER A 437 -25.23 -8.94 -8.96
CA SER A 437 -25.51 -9.47 -7.63
C SER A 437 -25.29 -10.97 -7.55
N ASN A 438 -25.21 -11.65 -8.69
CA ASN A 438 -25.00 -13.10 -8.69
C ASN A 438 -23.56 -13.49 -8.41
N CYS A 439 -22.59 -12.60 -8.63
CA CYS A 439 -21.23 -12.86 -8.20
C CYS A 439 -21.17 -12.73 -6.69
N SER A 440 -21.71 -13.74 -5.98
CA SER A 440 -21.91 -13.62 -4.54
C SER A 440 -20.61 -13.43 -3.77
N GLU A 441 -19.47 -13.76 -4.38
CA GLU A 441 -18.18 -13.65 -3.71
C GLU A 441 -17.47 -12.34 -4.00
N LEU A 442 -18.14 -11.40 -4.65
CA LEU A 442 -17.49 -10.16 -5.04
C LEU A 442 -17.04 -9.36 -3.83
N VAL A 443 -15.82 -8.83 -3.90
CA VAL A 443 -15.27 -8.02 -2.82
C VAL A 443 -14.94 -6.60 -3.28
N SER A 444 -14.79 -6.34 -4.57
CA SER A 444 -14.51 -5.01 -5.06
C SER A 444 -15.07 -4.85 -6.45
N LEU A 445 -15.88 -3.81 -6.66
CA LEU A 445 -16.49 -3.50 -7.94
C LEU A 445 -16.07 -2.10 -8.35
N HIS A 446 -15.36 -2.00 -9.46
CA HIS A 446 -14.78 -0.73 -9.94
C HIS A 446 -15.23 -0.54 -11.39
N LEU A 447 -16.25 0.30 -11.57
CA LEU A 447 -16.81 0.59 -12.89
C LEU A 447 -16.70 2.07 -13.23
N SER A 448 -15.82 2.79 -12.54
CA SER A 448 -15.72 4.23 -12.69
C SER A 448 -15.17 4.60 -14.07
N PHE A 449 -15.21 5.90 -14.36
CA PHE A 449 -14.60 6.45 -15.57
C PHE A 449 -15.11 5.72 -16.83
N ASN A 450 -16.42 5.71 -16.96
CA ASN A 450 -17.08 5.14 -18.14
C ASN A 450 -18.21 6.09 -18.51
N TYR A 451 -19.17 5.60 -19.28
CA TYR A 451 -20.33 6.37 -19.69
C TYR A 451 -21.61 5.61 -19.32
N LEU A 452 -21.62 5.04 -18.13
CA LEU A 452 -22.71 4.17 -17.70
C LEU A 452 -23.88 5.02 -17.20
N SER A 453 -25.04 4.84 -17.84
CA SER A 453 -26.24 5.55 -17.45
C SER A 453 -27.06 4.67 -16.51
N GLY A 454 -28.27 5.12 -16.18
CA GLY A 454 -29.16 4.34 -15.33
C GLY A 454 -28.97 4.62 -13.86
N THR A 455 -29.64 3.79 -13.06
CA THR A 455 -29.56 3.87 -11.61
C THR A 455 -28.56 2.85 -11.08
N ILE A 456 -28.26 2.97 -9.80
CA ILE A 456 -27.36 2.07 -9.10
C ILE A 456 -28.16 0.86 -8.64
N PRO A 457 -27.92 -0.33 -9.20
CA PRO A 457 -28.79 -1.47 -8.88
C PRO A 457 -28.92 -1.72 -7.39
N SER A 458 -30.16 -1.93 -6.95
CA SER A 458 -30.39 -2.29 -5.55
C SER A 458 -29.91 -3.69 -5.23
N SER A 459 -29.78 -4.56 -6.24
CA SER A 459 -29.32 -5.92 -6.00
C SER A 459 -27.88 -5.98 -5.49
N LEU A 460 -27.11 -4.90 -5.67
CA LEU A 460 -25.77 -4.86 -5.09
C LEU A 460 -25.81 -5.00 -3.58
N GLY A 461 -26.94 -4.67 -2.95
CA GLY A 461 -27.08 -4.94 -1.52
C GLY A 461 -27.00 -6.42 -1.21
N SER A 462 -27.36 -7.28 -2.17
CA SER A 462 -27.24 -8.71 -2.01
C SER A 462 -25.81 -9.20 -2.11
N LEU A 463 -24.85 -8.31 -2.39
CA LEU A 463 -23.43 -8.66 -2.40
C LEU A 463 -22.91 -8.56 -0.97
N SER A 464 -23.13 -9.65 -0.23
CA SER A 464 -22.91 -9.64 1.21
C SER A 464 -21.44 -9.47 1.60
N LYS A 465 -20.51 -9.63 0.67
CA LYS A 465 -19.09 -9.54 0.98
C LYS A 465 -18.41 -8.32 0.35
N LEU A 466 -19.10 -7.57 -0.49
CA LEU A 466 -18.49 -6.42 -1.15
C LEU A 466 -17.91 -5.45 -0.13
N ARG A 467 -16.71 -4.95 -0.42
CA ARG A 467 -16.06 -3.94 0.41
C ARG A 467 -15.87 -2.62 -0.30
N ASP A 468 -15.69 -2.61 -1.61
CA ASP A 468 -15.40 -1.41 -2.37
C ASP A 468 -16.40 -1.31 -3.52
N LEU A 469 -17.19 -0.24 -3.52
CA LEU A 469 -18.06 0.11 -4.64
C LEU A 469 -17.61 1.46 -5.17
N LYS A 470 -17.23 1.50 -6.45
CA LYS A 470 -16.65 2.70 -7.05
C LYS A 470 -17.26 2.87 -8.44
N LEU A 471 -18.03 3.95 -8.61
CA LEU A 471 -18.74 4.20 -9.86
C LEU A 471 -18.66 5.67 -10.27
N TRP A 472 -17.59 6.36 -9.89
CA TRP A 472 -17.56 7.80 -10.10
C TRP A 472 -17.17 8.14 -11.54
N LEU A 473 -17.58 9.34 -11.96
CA LEU A 473 -17.51 9.79 -13.35
C LEU A 473 -18.16 8.78 -14.29
N ASN A 474 -19.48 8.73 -14.17
CA ASN A 474 -20.34 8.05 -15.14
C ASN A 474 -21.51 8.97 -15.42
N MET A 475 -22.67 8.43 -15.77
CA MET A 475 -23.89 9.20 -15.93
C MET A 475 -25.03 8.53 -15.16
N LEU A 476 -24.75 8.19 -13.91
CA LEU A 476 -25.65 7.38 -13.08
C LEU A 476 -26.71 8.27 -12.46
N GLU A 477 -27.95 8.12 -12.91
CA GLU A 477 -29.07 8.85 -12.32
C GLU A 477 -29.57 8.13 -11.08
N GLY A 478 -30.65 8.65 -10.50
CA GLY A 478 -31.34 7.97 -9.42
C GLY A 478 -30.77 8.27 -8.05
N GLU A 479 -31.44 7.72 -7.05
CA GLU A 479 -31.04 7.85 -5.66
C GLU A 479 -30.09 6.72 -5.30
N ILE A 480 -29.39 6.89 -4.18
CA ILE A 480 -28.44 5.89 -3.71
C ILE A 480 -29.23 4.77 -3.01
N PRO A 481 -29.06 3.51 -3.41
CA PRO A 481 -29.97 2.47 -2.93
C PRO A 481 -30.00 2.39 -1.41
N GLN A 482 -31.21 2.28 -0.86
CA GLN A 482 -31.36 1.98 0.56
C GLN A 482 -30.82 0.60 0.89
N GLU A 483 -30.89 -0.33 -0.07
CA GLU A 483 -30.53 -1.72 0.16
C GLU A 483 -29.05 -1.89 0.48
N LEU A 484 -28.28 -0.80 0.49
CA LEU A 484 -26.89 -0.90 0.88
C LEU A 484 -26.74 -1.19 2.37
N MET A 485 -27.78 -0.95 3.17
CA MET A 485 -27.75 -1.37 4.57
C MET A 485 -27.47 -2.85 4.71
N TYR A 486 -27.84 -3.65 3.71
CA TYR A 486 -27.62 -5.09 3.73
C TYR A 486 -26.17 -5.47 3.43
N VAL A 487 -25.21 -4.59 3.67
CA VAL A 487 -23.80 -4.84 3.38
C VAL A 487 -23.03 -4.47 4.64
N LYS A 488 -22.78 -5.46 5.50
CA LYS A 488 -22.07 -5.23 6.75
CA LYS A 488 -22.08 -5.25 6.75
C LYS A 488 -20.56 -5.15 6.58
N THR A 489 -20.05 -5.30 5.36
CA THR A 489 -18.63 -5.26 5.10
C THR A 489 -18.16 -3.99 4.40
N LEU A 490 -19.06 -3.26 3.76
CA LEU A 490 -18.68 -2.13 2.93
C LEU A 490 -17.68 -1.23 3.64
N GLU A 491 -16.77 -0.65 2.86
CA GLU A 491 -15.70 0.17 3.41
C GLU A 491 -15.55 1.47 2.63
N THR A 492 -15.78 1.42 1.32
CA THR A 492 -15.63 2.58 0.47
C THR A 492 -16.81 2.68 -0.49
N LEU A 493 -17.33 3.89 -0.64
CA LEU A 493 -18.48 4.17 -1.51
C LEU A 493 -18.17 5.47 -2.24
N ILE A 494 -17.72 5.36 -3.48
CA ILE A 494 -17.21 6.49 -4.25
C ILE A 494 -18.10 6.67 -5.47
N LEU A 495 -18.86 7.78 -5.49
CA LEU A 495 -19.86 8.02 -6.52
C LEU A 495 -19.81 9.44 -7.05
N ASP A 496 -18.63 10.06 -7.04
CA ASP A 496 -18.51 11.44 -7.50
C ASP A 496 -18.84 11.55 -8.99
N PHE A 497 -19.19 12.76 -9.40
CA PHE A 497 -19.35 13.10 -10.82
C PHE A 497 -20.38 12.21 -11.51
N ASN A 498 -21.50 11.98 -10.83
CA ASN A 498 -22.68 11.34 -11.41
C ASN A 498 -23.88 12.26 -11.20
N ASP A 499 -25.03 11.85 -11.73
CA ASP A 499 -26.26 12.62 -11.64
C ASP A 499 -27.16 12.16 -10.51
N LEU A 500 -26.58 11.64 -9.43
CA LEU A 500 -27.37 11.14 -8.32
C LEU A 500 -28.21 12.26 -7.71
N THR A 501 -29.36 11.88 -7.16
CA THR A 501 -30.30 12.84 -6.61
C THR A 501 -30.90 12.27 -5.34
N GLY A 502 -31.80 13.03 -4.73
CA GLY A 502 -32.38 12.63 -3.47
C GLY A 502 -31.44 12.90 -2.31
N GLU A 503 -31.79 12.33 -1.17
CA GLU A 503 -31.06 12.56 0.06
C GLU A 503 -30.16 11.36 0.37
N ILE A 504 -29.37 11.49 1.43
CA ILE A 504 -28.45 10.45 1.85
C ILE A 504 -29.24 9.30 2.48
N PRO A 505 -29.23 8.10 1.89
CA PRO A 505 -30.04 7.00 2.44
C PRO A 505 -29.67 6.71 3.89
N SER A 506 -30.70 6.64 4.74
CA SER A 506 -30.49 6.32 6.15
C SER A 506 -29.84 4.95 6.34
N GLY A 507 -29.97 4.06 5.35
CA GLY A 507 -29.49 2.70 5.51
C GLY A 507 -28.00 2.57 5.72
N LEU A 508 -27.23 3.62 5.41
CA LEU A 508 -25.79 3.53 5.53
C LEU A 508 -25.31 3.64 6.97
N SER A 509 -26.18 4.03 7.91
CA SER A 509 -25.83 3.97 9.32
C SER A 509 -25.39 2.57 9.73
N ASN A 510 -25.79 1.55 8.95
CA ASN A 510 -25.44 0.17 9.26
C ASN A 510 -24.03 -0.18 8.84
N CYS A 511 -23.55 0.39 7.74
CA CYS A 511 -22.24 0.04 7.21
C CYS A 511 -21.16 0.52 8.16
N THR A 512 -21.10 -0.07 9.35
CA THR A 512 -20.24 0.42 10.42
C THR A 512 -18.79 0.54 9.98
N ASN A 513 -18.33 -0.33 9.09
CA ASN A 513 -16.93 -0.38 8.70
C ASN A 513 -16.57 0.65 7.63
N LEU A 514 -17.51 1.45 7.15
CA LEU A 514 -17.20 2.44 6.13
C LEU A 514 -16.10 3.36 6.61
N ASN A 515 -15.16 3.69 5.71
CA ASN A 515 -14.07 4.59 6.02
C ASN A 515 -13.83 5.65 4.94
N TRP A 516 -14.57 5.62 3.84
CA TRP A 516 -14.30 6.55 2.73
C TRP A 516 -15.59 6.69 1.91
N ILE A 517 -16.36 7.73 2.20
CA ILE A 517 -17.54 8.10 1.43
C ILE A 517 -17.22 9.35 0.63
N SER A 518 -17.67 9.38 -0.62
CA SER A 518 -17.39 10.51 -1.52
C SER A 518 -18.54 10.63 -2.50
N LEU A 519 -19.30 11.73 -2.41
CA LEU A 519 -20.50 11.92 -3.23
C LEU A 519 -20.49 13.28 -3.92
N SER A 520 -19.32 13.82 -4.24
CA SER A 520 -19.24 15.19 -4.74
C SER A 520 -19.71 15.28 -6.19
N ASN A 521 -19.99 16.51 -6.61
CA ASN A 521 -20.38 16.82 -7.98
C ASN A 521 -21.64 16.05 -8.38
N ASN A 522 -22.56 15.91 -7.44
CA ASN A 522 -23.87 15.32 -7.66
C ASN A 522 -24.94 16.38 -7.39
N ARG A 523 -26.20 15.96 -7.46
CA ARG A 523 -27.35 16.80 -7.12
C ARG A 523 -28.07 16.25 -5.90
N LEU A 524 -27.30 15.72 -4.95
CA LEU A 524 -27.87 15.24 -3.71
C LEU A 524 -28.40 16.41 -2.87
N THR A 525 -29.34 16.09 -1.99
CA THR A 525 -29.97 17.11 -1.16
C THR A 525 -30.10 16.55 0.26
N GLY A 526 -30.96 17.16 1.06
CA GLY A 526 -31.09 16.78 2.45
C GLY A 526 -29.99 17.37 3.30
N GLU A 527 -29.83 16.77 4.48
CA GLU A 527 -28.85 17.22 5.45
C GLU A 527 -27.92 16.06 5.80
N ILE A 528 -26.69 16.40 6.16
CA ILE A 528 -25.76 15.39 6.66
C ILE A 528 -26.46 14.70 7.82
N PRO A 529 -26.87 13.44 7.69
CA PRO A 529 -27.58 12.79 8.79
C PRO A 529 -26.75 12.84 10.07
N LYS A 530 -27.45 12.96 11.21
CA LYS A 530 -26.76 12.98 12.49
C LYS A 530 -26.08 11.66 12.79
N TRP A 531 -26.61 10.54 12.26
CA TRP A 531 -25.98 9.25 12.51
C TRP A 531 -24.63 9.11 11.81
N ILE A 532 -24.07 10.17 11.24
CA ILE A 532 -22.73 10.10 10.67
C ILE A 532 -21.71 9.78 11.75
N GLY A 533 -22.01 10.09 13.02
CA GLY A 533 -21.07 9.83 14.09
C GLY A 533 -20.96 8.37 14.48
N ARG A 534 -21.95 7.55 14.13
CA ARG A 534 -21.91 6.14 14.49
C ARG A 534 -20.83 5.37 13.72
N LEU A 535 -20.24 5.97 12.69
CA LEU A 535 -19.20 5.32 11.90
C LEU A 535 -17.85 5.71 12.50
N GLU A 536 -17.42 4.94 13.50
CA GLU A 536 -16.12 5.18 14.13
C GLU A 536 -14.94 4.77 13.25
N ASN A 537 -15.20 4.36 12.01
CA ASN A 537 -14.15 4.03 11.06
C ASN A 537 -14.10 5.01 9.89
N LEU A 538 -15.01 5.98 9.84
CA LEU A 538 -15.03 6.96 8.75
C LEU A 538 -13.79 7.84 8.81
N ALA A 539 -12.96 7.78 7.77
CA ALA A 539 -11.77 8.61 7.67
C ALA A 539 -11.91 9.74 6.66
N ILE A 540 -12.77 9.60 5.66
CA ILE A 540 -12.89 10.58 4.58
C ILE A 540 -14.36 10.74 4.22
N LEU A 541 -14.79 11.99 4.08
CA LEU A 541 -16.17 12.33 3.75
C LEU A 541 -16.14 13.55 2.84
N LYS A 542 -16.43 13.37 1.56
CA LYS A 542 -16.33 14.43 0.56
C LYS A 542 -17.70 14.63 -0.10
N LEU A 543 -18.25 15.83 0.03
CA LEU A 543 -19.63 16.11 -0.36
C LEU A 543 -19.74 17.41 -1.14
N SER A 544 -18.75 17.72 -1.97
CA SER A 544 -18.70 19.05 -2.56
C SER A 544 -19.57 19.15 -3.82
N ASN A 545 -19.90 20.39 -4.18
CA ASN A 545 -20.69 20.74 -5.37
C ASN A 545 -21.98 19.94 -5.43
N ASN A 546 -22.71 19.93 -4.32
CA ASN A 546 -24.03 19.34 -4.25
C ASN A 546 -25.02 20.43 -3.82
N SER A 547 -26.21 19.99 -3.40
CA SER A 547 -27.20 20.88 -2.81
C SER A 547 -27.62 20.39 -1.43
N PHE A 548 -26.63 19.96 -0.63
CA PHE A 548 -26.90 19.64 0.76
C PHE A 548 -27.29 20.92 1.52
N SER A 549 -27.68 20.75 2.77
CA SER A 549 -28.21 21.86 3.55
C SER A 549 -28.21 21.49 5.03
N GLY A 550 -28.64 22.43 5.85
CA GLY A 550 -28.77 22.23 7.28
C GLY A 550 -27.52 22.65 8.05
N ASN A 551 -27.71 22.86 9.34
CA ASN A 551 -26.58 23.09 10.23
C ASN A 551 -25.63 21.91 10.16
N ILE A 552 -24.33 22.20 10.26
CA ILE A 552 -23.36 21.10 10.29
C ILE A 552 -23.53 20.33 11.59
N PRO A 553 -23.49 18.99 11.58
CA PRO A 553 -23.79 18.24 12.80
C PRO A 553 -22.60 18.17 13.74
N ALA A 554 -22.83 18.55 15.00
CA ALA A 554 -21.85 18.30 16.05
C ALA A 554 -21.49 16.83 16.13
N GLU A 555 -22.37 15.94 15.66
CA GLU A 555 -22.11 14.51 15.75
C GLU A 555 -20.84 14.12 15.01
N LEU A 556 -20.47 14.86 13.96
CA LEU A 556 -19.20 14.61 13.29
C LEU A 556 -18.03 14.59 14.28
N GLY A 557 -18.18 15.24 15.43
CA GLY A 557 -17.18 15.17 16.48
C GLY A 557 -17.12 13.84 17.20
N ASP A 558 -17.99 12.90 16.87
CA ASP A 558 -17.92 11.54 17.39
C ASP A 558 -17.35 10.56 16.37
N CYS A 559 -16.61 11.06 15.38
CA CYS A 559 -15.94 10.24 14.37
C CYS A 559 -14.47 10.12 14.77
N ARG A 560 -14.09 8.96 15.29
CA ARG A 560 -12.76 8.75 15.84
C ARG A 560 -11.73 8.39 14.78
N SER A 561 -12.11 8.30 13.50
CA SER A 561 -11.17 8.07 12.41
C SER A 561 -11.11 9.23 11.42
N LEU A 562 -11.99 10.23 11.54
CA LEU A 562 -12.11 11.24 10.50
C LEU A 562 -10.83 12.06 10.40
N ILE A 563 -10.24 12.09 9.20
CA ILE A 563 -9.10 12.95 8.91
C ILE A 563 -9.32 13.85 7.70
N TRP A 564 -10.46 13.71 7.02
CA TRP A 564 -10.68 14.44 5.77
C TRP A 564 -12.17 14.72 5.62
N LEU A 565 -12.54 16.00 5.68
CA LEU A 565 -13.94 16.43 5.63
C LEU A 565 -14.04 17.60 4.64
N ASP A 566 -14.51 17.32 3.43
CA ASP A 566 -14.63 18.32 2.37
C ASP A 566 -16.12 18.55 2.09
N LEU A 567 -16.60 19.76 2.39
CA LEU A 567 -18.01 20.13 2.26
C LEU A 567 -18.21 21.34 1.35
N ASN A 568 -17.23 21.67 0.53
CA ASN A 568 -17.25 22.96 -0.18
C ASN A 568 -18.38 23.00 -1.21
N THR A 569 -18.85 24.22 -1.50
CA THR A 569 -19.84 24.47 -2.53
C THR A 569 -21.12 23.66 -2.28
N ASN A 570 -21.80 24.04 -1.20
CA ASN A 570 -23.09 23.49 -0.83
C ASN A 570 -23.93 24.63 -0.27
N LEU A 571 -25.06 24.29 0.36
CA LEU A 571 -25.94 25.29 0.95
C LEU A 571 -26.13 25.06 2.45
N PHE A 572 -25.15 24.43 3.09
CA PHE A 572 -25.19 24.32 4.55
C PHE A 572 -25.31 25.72 5.17
N ASN A 573 -25.76 25.76 6.42
CA ASN A 573 -25.89 27.03 7.11
C ASN A 573 -25.77 26.77 8.61
N GLY A 574 -26.34 27.66 9.43
CA GLY A 574 -26.11 27.62 10.85
C GLY A 574 -24.68 28.03 11.18
N THR A 575 -24.35 27.96 12.47
CA THR A 575 -22.99 28.23 12.91
C THR A 575 -22.24 26.90 13.07
N ILE A 576 -20.95 27.02 13.34
CA ILE A 576 -20.03 25.89 13.30
C ILE A 576 -20.03 25.24 14.68
N PRO A 577 -20.33 23.95 14.80
CA PRO A 577 -20.27 23.28 16.11
C PRO A 577 -18.84 23.19 16.62
N ALA A 578 -18.58 23.85 17.75
CA ALA A 578 -17.33 23.62 18.47
C ALA A 578 -17.11 22.15 18.79
N ALA A 579 -18.19 21.34 18.76
CA ALA A 579 -18.13 19.95 19.19
C ALA A 579 -17.60 19.01 18.12
N MET A 580 -17.39 19.48 16.89
CA MET A 580 -16.85 18.60 15.86
C MET A 580 -15.33 18.47 15.96
N PHE A 581 -14.72 19.04 17.00
CA PHE A 581 -13.27 19.02 17.16
C PHE A 581 -12.84 18.30 18.44
N LYS A 582 -13.71 17.48 19.02
CA LYS A 582 -13.36 16.81 20.27
C LYS A 582 -12.32 15.72 20.04
N GLN A 583 -12.43 14.98 18.93
CA GLN A 583 -11.54 13.84 18.70
C GLN A 583 -10.10 14.26 18.42
N SER A 584 -9.84 15.55 18.18
CA SER A 584 -8.49 15.99 17.91
C SER A 584 -7.57 15.61 19.07
N GLY A 585 -6.46 14.96 18.74
CA GLY A 585 -5.52 14.44 19.71
C GLY A 585 -5.68 12.95 19.98
N LYS A 586 -6.90 12.42 19.84
CA LYS A 586 -7.15 11.01 20.04
C LYS A 586 -7.64 10.34 18.76
N ILE A 587 -6.89 10.50 17.68
CA ILE A 587 -7.19 9.83 16.41
C ILE A 587 -6.10 8.81 16.16
N ALA A 588 -6.49 7.72 15.48
CA ALA A 588 -5.54 6.70 15.04
C ALA A 588 -5.96 6.28 13.63
N ALA A 589 -5.29 6.84 12.62
CA ALA A 589 -5.61 6.58 11.23
C ALA A 589 -4.75 5.42 10.73
N ASN A 590 -5.40 4.33 10.35
CA ASN A 590 -4.69 3.12 9.97
C ASN A 590 -5.45 2.32 8.91
N PHE A 591 -6.76 2.16 9.11
CA PHE A 591 -7.59 1.48 8.11
C PHE A 591 -7.46 2.10 6.72
N ILE A 592 -6.95 3.33 6.64
CA ILE A 592 -7.04 4.12 5.41
C ILE A 592 -5.79 4.04 4.54
N ALA A 593 -4.69 3.47 5.04
CA ALA A 593 -3.40 3.56 4.38
C ALA A 593 -3.23 2.48 3.31
N GLY A 594 -2.76 2.89 2.13
CA GLY A 594 -2.34 1.95 1.11
C GLY A 594 -3.14 1.95 -0.18
N LYS A 595 -3.96 2.96 -0.40
CA LYS A 595 -4.86 3.01 -1.56
C LYS A 595 -4.41 4.10 -2.52
N ARG A 596 -4.38 3.77 -3.82
CA ARG A 596 -4.00 4.76 -4.82
C ARG A 596 -5.05 5.87 -4.89
N TYR A 597 -4.58 7.11 -4.94
CA TYR A 597 -5.44 8.28 -4.92
C TYR A 597 -4.93 9.30 -5.93
N VAL A 598 -5.67 10.39 -6.04
CA VAL A 598 -5.20 11.61 -6.68
C VAL A 598 -5.79 12.79 -5.92
N TYR A 599 -4.96 13.81 -5.69
CA TYR A 599 -5.40 15.08 -5.16
C TYR A 599 -5.21 16.13 -6.23
N ILE A 600 -6.27 16.90 -6.51
CA ILE A 600 -6.25 17.94 -7.52
C ILE A 600 -6.35 19.28 -6.81
N LYS A 601 -5.26 20.04 -6.84
CA LYS A 601 -5.21 21.33 -6.16
C LYS A 601 -5.96 22.36 -6.98
N ASN A 602 -6.96 22.99 -6.37
CA ASN A 602 -7.68 24.08 -7.01
C ASN A 602 -6.73 25.23 -7.29
N ASP A 603 -6.64 25.63 -8.56
CA ASP A 603 -5.87 26.80 -8.93
C ASP A 603 -6.69 28.05 -8.66
N GLY A 604 -6.05 29.06 -8.07
CA GLY A 604 -6.72 30.31 -7.76
C GLY A 604 -6.92 31.17 -8.99
N MET A 605 -7.29 30.55 -10.11
CA MET A 605 -7.47 31.25 -11.38
C MET A 605 -8.96 31.29 -11.74
N LYS A 606 -9.54 30.16 -12.14
CA LYS A 606 -10.95 30.09 -12.49
C LYS A 606 -11.77 30.28 -11.22
N LYS A 607 -12.28 31.49 -11.01
CA LYS A 607 -13.17 31.74 -9.89
C LYS A 607 -14.41 30.86 -9.94
N GLU A 608 -14.70 30.23 -11.09
CA GLU A 608 -15.81 29.29 -11.16
C GLU A 608 -15.49 27.98 -10.45
N CYS A 609 -14.20 27.65 -10.35
CA CYS A 609 -13.77 26.48 -9.59
C CYS A 609 -13.72 26.81 -8.10
N HIS A 610 -14.19 25.87 -7.28
CA HIS A 610 -14.31 26.09 -5.85
C HIS A 610 -13.56 25.02 -5.07
N GLY A 611 -13.28 25.32 -3.80
CA GLY A 611 -12.65 24.39 -2.89
C GLY A 611 -11.14 24.47 -2.92
N ALA A 612 -10.53 23.92 -1.87
CA ALA A 612 -9.08 23.82 -1.82
C ALA A 612 -8.56 22.84 -2.87
N GLY A 613 -9.03 21.60 -2.80
CA GLY A 613 -8.69 20.60 -3.79
C GLY A 613 -9.61 19.41 -3.63
N ASN A 614 -9.67 18.60 -4.68
CA ASN A 614 -10.54 17.43 -4.71
C ASN A 614 -9.67 16.18 -4.60
N LEU A 615 -9.77 15.49 -3.47
CA LEU A 615 -9.16 14.18 -3.32
C LEU A 615 -10.10 13.12 -3.89
N LEU A 616 -9.55 12.18 -4.64
CA LEU A 616 -10.35 11.19 -5.33
C LEU A 616 -9.59 9.87 -5.37
N GLU A 617 -10.29 8.78 -5.06
CA GLU A 617 -9.73 7.45 -5.27
C GLU A 617 -9.34 7.28 -6.73
N PHE A 618 -8.31 6.47 -6.98
CA PHE A 618 -7.75 6.39 -8.33
C PHE A 618 -7.05 5.05 -8.55
N GLN A 619 -7.66 3.96 -8.12
CA GLN A 619 -7.13 2.63 -8.41
C GLN A 619 -7.47 2.26 -9.85
N GLY A 620 -6.45 1.97 -10.65
CA GLY A 620 -6.62 1.45 -11.98
C GLY A 620 -7.04 2.45 -13.04
N ILE A 621 -7.11 3.74 -12.72
CA ILE A 621 -7.42 4.77 -13.71
C ILE A 621 -6.13 5.44 -14.13
N ARG A 622 -6.10 5.91 -15.38
CA ARG A 622 -4.93 6.60 -15.90
C ARG A 622 -4.98 8.08 -15.53
N SER A 623 -3.82 8.62 -15.13
CA SER A 623 -3.73 10.06 -14.93
C SER A 623 -3.99 10.83 -16.22
N GLU A 624 -3.77 10.20 -17.37
CA GLU A 624 -3.94 10.85 -18.66
C GLU A 624 -5.40 10.99 -19.08
N GLN A 625 -6.35 10.49 -18.28
CA GLN A 625 -7.77 10.60 -18.61
C GLN A 625 -8.53 11.56 -17.72
N LEU A 626 -7.84 12.20 -16.76
CA LEU A 626 -8.52 13.19 -15.91
C LEU A 626 -9.13 14.31 -16.72
N ASN A 627 -8.68 14.52 -17.96
CA ASN A 627 -9.32 15.52 -18.81
C ASN A 627 -10.79 15.22 -19.07
N ARG A 628 -11.23 13.97 -18.85
CA ARG A 628 -12.64 13.66 -18.96
C ARG A 628 -13.49 14.49 -17.98
N LEU A 629 -12.86 15.06 -16.95
CA LEU A 629 -13.56 15.93 -16.02
C LEU A 629 -13.85 17.31 -16.59
N SER A 630 -13.23 17.67 -17.71
CA SER A 630 -13.36 19.03 -18.23
C SER A 630 -14.81 19.42 -18.45
N THR A 631 -15.61 18.51 -19.02
CA THR A 631 -17.02 18.79 -19.26
C THR A 631 -17.86 18.71 -17.98
N ARG A 632 -17.24 18.43 -16.84
CA ARG A 632 -17.95 18.24 -15.58
C ARG A 632 -17.45 19.13 -14.47
N ASN A 633 -16.35 19.84 -14.66
CA ASN A 633 -15.68 20.57 -13.59
C ASN A 633 -14.89 21.73 -14.18
N PRO A 634 -15.15 22.97 -13.76
CA PRO A 634 -14.47 24.12 -14.38
C PRO A 634 -13.02 24.28 -13.93
N CYS A 635 -12.53 23.41 -13.03
CA CYS A 635 -11.19 23.57 -12.49
C CYS A 635 -10.15 23.22 -13.54
N ASN A 636 -9.13 24.08 -13.66
CA ASN A 636 -8.03 23.90 -14.60
C ASN A 636 -7.10 22.83 -14.04
N ILE A 637 -7.54 21.57 -14.15
CA ILE A 637 -6.80 20.46 -13.53
C ILE A 637 -5.39 20.35 -14.11
N THR A 638 -5.20 20.75 -15.36
CA THR A 638 -3.93 20.58 -16.05
C THR A 638 -2.73 20.96 -15.18
N SER A 639 -2.88 21.98 -14.34
CA SER A 639 -1.75 22.49 -13.57
C SER A 639 -1.36 21.53 -12.46
N ARG A 640 -2.33 21.05 -11.67
CA ARG A 640 -2.06 20.38 -10.40
C ARG A 640 -2.75 19.04 -10.36
N VAL A 641 -1.97 17.97 -10.28
CA VAL A 641 -2.49 16.63 -10.04
C VAL A 641 -1.47 15.86 -9.20
N TYR A 642 -1.69 15.83 -7.89
CA TYR A 642 -0.87 15.02 -7.00
C TYR A 642 -1.46 13.63 -6.87
N GLY A 643 -0.62 12.68 -6.49
CA GLY A 643 -1.08 11.32 -6.35
C GLY A 643 -0.06 10.46 -5.63
N GLY A 644 -0.34 9.17 -5.62
CA GLY A 644 0.45 8.18 -4.93
C GLY A 644 -0.45 7.21 -4.22
N HIS A 645 0.10 6.54 -3.21
CA HIS A 645 -0.67 5.65 -2.37
C HIS A 645 -0.76 6.24 -0.96
N THR A 646 -1.94 6.14 -0.37
CA THR A 646 -2.20 6.78 0.91
C THR A 646 -1.13 6.39 1.93
N SER A 647 -0.65 7.40 2.66
CA SER A 647 0.33 7.19 3.73
C SER A 647 0.07 8.21 4.83
N PRO A 648 -0.90 7.93 5.70
CA PRO A 648 -1.13 8.82 6.84
C PRO A 648 0.16 9.09 7.58
N THR A 649 0.28 10.30 8.13
CA THR A 649 1.53 10.75 8.72
C THR A 649 1.69 10.23 10.14
N PHE A 650 0.61 10.14 10.90
CA PHE A 650 0.65 9.71 12.29
C PHE A 650 0.15 8.28 12.41
N ASP A 651 0.02 7.81 13.65
CA ASP A 651 -0.50 6.47 13.92
C ASP A 651 -1.34 6.49 15.19
N ASN A 652 -0.76 6.97 16.29
CA ASN A 652 -1.55 7.38 17.45
C ASN A 652 -1.66 8.90 17.41
N ASN A 653 -1.69 9.58 18.56
CA ASN A 653 -1.89 11.02 18.57
C ASN A 653 -3.08 11.36 17.68
N GLY A 654 -2.82 11.95 16.53
CA GLY A 654 -3.83 12.03 15.48
C GLY A 654 -4.73 13.24 15.61
N SER A 655 -5.16 13.74 14.47
CA SER A 655 -6.14 14.82 14.38
C SER A 655 -6.50 14.97 12.91
N MET A 656 -7.58 15.70 12.66
CA MET A 656 -7.98 16.00 11.30
C MET A 656 -6.83 16.63 10.53
N MET A 657 -6.64 16.17 9.30
CA MET A 657 -5.62 16.73 8.41
C MET A 657 -6.19 17.71 7.41
N PHE A 658 -7.41 17.45 6.93
CA PHE A 658 -8.05 18.27 5.91
C PHE A 658 -9.39 18.76 6.43
N LEU A 659 -9.77 19.97 6.02
CA LEU A 659 -11.05 20.54 6.46
C LEU A 659 -11.42 21.68 5.54
N ASP A 660 -12.40 21.45 4.66
CA ASP A 660 -12.85 22.44 3.70
C ASP A 660 -14.36 22.60 3.83
N MET A 661 -14.82 23.85 3.91
CA MET A 661 -16.25 24.12 3.96
C MET A 661 -16.61 25.41 3.20
N SER A 662 -15.79 25.82 2.24
CA SER A 662 -16.01 27.06 1.53
C SER A 662 -17.31 27.02 0.71
N TYR A 663 -17.76 28.21 0.31
CA TYR A 663 -18.89 28.37 -0.60
C TYR A 663 -20.16 27.74 -0.02
N ASN A 664 -20.42 28.04 1.25
CA ASN A 664 -21.65 27.66 1.92
C ASN A 664 -22.28 28.89 2.55
N MET A 665 -23.28 28.70 3.42
CA MET A 665 -23.99 29.78 4.10
C MET A 665 -23.76 29.73 5.60
N LEU A 666 -22.53 29.47 6.02
CA LEU A 666 -22.19 29.43 7.43
C LEU A 666 -22.23 30.85 8.01
N SER A 667 -22.24 30.93 9.33
CA SER A 667 -22.25 32.23 10.00
C SER A 667 -21.92 32.01 11.47
N GLY A 668 -21.83 33.12 12.21
CA GLY A 668 -21.38 33.08 13.58
C GLY A 668 -19.87 33.16 13.68
N TYR A 669 -19.37 32.84 14.87
CA TYR A 669 -17.97 33.02 15.21
C TYR A 669 -17.22 31.70 15.15
N ILE A 670 -15.98 31.74 14.67
CA ILE A 670 -15.13 30.56 14.59
C ILE A 670 -14.86 30.05 16.01
N PRO A 671 -15.30 28.86 16.38
CA PRO A 671 -14.92 28.31 17.69
C PRO A 671 -13.41 28.27 17.85
N LYS A 672 -12.95 28.70 19.03
CA LYS A 672 -11.53 28.63 19.35
C LYS A 672 -11.00 27.21 19.35
N GLU A 673 -11.88 26.21 19.37
CA GLU A 673 -11.46 24.83 19.22
C GLU A 673 -10.89 24.53 17.84
N ILE A 674 -11.07 25.45 16.88
CA ILE A 674 -10.53 25.28 15.53
C ILE A 674 -9.05 24.96 15.57
N GLY A 675 -8.33 25.52 16.52
CA GLY A 675 -6.88 25.38 16.57
C GLY A 675 -6.40 24.22 17.42
N SER A 676 -7.20 23.16 17.52
CA SER A 676 -6.87 22.00 18.33
C SER A 676 -6.38 20.81 17.51
N MET A 677 -6.24 20.97 16.20
CA MET A 677 -5.84 19.87 15.32
C MET A 677 -4.41 20.08 14.84
N PRO A 678 -3.41 19.50 15.50
CA PRO A 678 -2.01 19.78 15.10
C PRO A 678 -1.66 19.30 13.71
N TYR A 679 -1.99 18.05 13.38
CA TYR A 679 -1.67 17.47 12.07
C TYR A 679 -2.48 18.08 10.91
N LEU A 680 -3.28 19.12 11.18
CA LEU A 680 -4.05 19.78 10.14
C LEU A 680 -3.12 20.45 9.13
N PHE A 681 -3.24 20.04 7.87
CA PHE A 681 -2.51 20.68 6.77
C PHE A 681 -3.29 21.83 6.15
N ILE A 682 -4.60 21.67 5.99
CA ILE A 682 -5.41 22.55 5.15
C ILE A 682 -6.63 23.00 5.93
N LEU A 683 -7.07 24.23 5.64
CA LEU A 683 -8.23 24.80 6.32
C LEU A 683 -8.84 25.85 5.38
N ASN A 684 -10.03 25.56 4.86
CA ASN A 684 -10.73 26.46 3.95
C ASN A 684 -12.10 26.76 4.53
N LEU A 685 -12.37 28.03 4.82
CA LEU A 685 -13.66 28.47 5.32
C LEU A 685 -14.16 29.69 4.54
N GLY A 686 -13.75 29.78 3.27
CA GLY A 686 -14.01 30.98 2.49
C GLY A 686 -15.40 31.02 1.87
N HIS A 687 -15.76 32.22 1.41
CA HIS A 687 -17.04 32.48 0.77
CA HIS A 687 -17.04 32.47 0.77
C HIS A 687 -18.20 31.91 1.61
N ASN A 688 -18.29 32.41 2.84
CA ASN A 688 -19.37 32.09 3.77
C ASN A 688 -19.90 33.38 4.38
N ASP A 689 -20.40 33.32 5.61
CA ASP A 689 -20.88 34.50 6.34
C ASP A 689 -20.35 34.48 7.77
N ILE A 690 -19.11 34.03 7.95
CA ILE A 690 -18.53 33.83 9.27
C ILE A 690 -17.99 35.15 9.80
N SER A 691 -18.25 35.42 11.07
CA SER A 691 -17.86 36.68 11.69
C SER A 691 -17.06 36.40 12.96
N GLY A 692 -17.00 37.39 13.84
CA GLY A 692 -16.15 37.30 15.01
C GLY A 692 -14.71 37.62 14.68
N SER A 693 -13.84 37.41 15.67
CA SER A 693 -12.42 37.65 15.52
C SER A 693 -11.69 36.33 15.33
N ILE A 694 -10.70 36.32 14.44
CA ILE A 694 -9.91 35.12 14.22
C ILE A 694 -9.37 34.65 15.56
N PRO A 695 -9.78 33.49 16.06
CA PRO A 695 -9.24 33.02 17.34
C PRO A 695 -7.72 32.95 17.30
N ASP A 696 -7.09 33.30 18.42
CA ASP A 696 -5.64 33.24 18.54
C ASP A 696 -5.12 31.82 18.63
N GLU A 697 -5.99 30.82 18.51
CA GLU A 697 -5.55 29.43 18.50
C GLU A 697 -5.02 28.99 17.15
N VAL A 698 -5.43 29.68 16.06
CA VAL A 698 -4.94 29.33 14.73
C VAL A 698 -3.42 29.24 14.71
N GLY A 699 -2.74 30.05 15.53
CA GLY A 699 -1.30 29.97 15.62
C GLY A 699 -0.82 28.64 16.16
N ASP A 700 -1.70 27.83 16.74
CA ASP A 700 -1.34 26.52 17.26
C ASP A 700 -1.32 25.45 16.17
N LEU A 701 -1.89 25.72 15.00
CA LEU A 701 -1.90 24.77 13.89
C LEU A 701 -0.53 24.81 13.20
N ARG A 702 0.46 24.25 13.89
CA ARG A 702 1.84 24.32 13.41
C ARG A 702 2.13 23.36 12.25
N GLY A 703 1.12 22.72 11.69
CA GLY A 703 1.28 21.94 10.48
C GLY A 703 0.63 22.61 9.29
N LEU A 704 -0.07 23.71 9.56
CA LEU A 704 -0.89 24.37 8.55
C LEU A 704 -0.07 24.78 7.35
N ASN A 705 -0.44 24.26 6.17
CA ASN A 705 0.13 24.70 4.90
C ASN A 705 -0.78 25.65 4.14
N ILE A 706 -2.10 25.48 4.25
CA ILE A 706 -3.07 26.31 3.56
C ILE A 706 -4.06 26.83 4.59
N LEU A 707 -4.48 28.10 4.41
CA LEU A 707 -5.46 28.70 5.31
C LEU A 707 -6.26 29.72 4.51
N ASP A 708 -7.52 29.41 4.22
CA ASP A 708 -8.42 30.29 3.50
C ASP A 708 -9.55 30.71 4.43
N LEU A 709 -9.77 32.02 4.53
CA LEU A 709 -10.90 32.55 5.28
C LEU A 709 -11.51 33.75 4.56
N SER A 710 -11.34 33.83 3.25
CA SER A 710 -11.73 35.00 2.49
C SER A 710 -13.25 35.06 2.34
N SER A 711 -13.72 36.20 1.87
CA SER A 711 -15.14 36.46 1.61
C SER A 711 -16.00 36.02 2.80
N ASN A 712 -15.84 36.78 3.88
CA ASN A 712 -16.55 36.51 5.13
C ASN A 712 -16.89 37.85 5.77
N LYS A 713 -17.20 37.83 7.07
CA LYS A 713 -17.49 39.04 7.83
C LYS A 713 -16.60 39.16 9.07
N LEU A 714 -15.41 38.57 9.01
CA LEU A 714 -14.52 38.52 10.17
C LEU A 714 -14.02 39.92 10.53
N ASP A 715 -13.89 40.18 11.82
CA ASP A 715 -13.40 41.45 12.34
C ASP A 715 -12.24 41.20 13.30
N GLY A 716 -11.70 42.29 13.86
CA GLY A 716 -10.58 42.18 14.77
C GLY A 716 -9.24 42.32 14.07
N ARG A 717 -8.22 41.77 14.71
CA ARG A 717 -6.86 41.80 14.20
C ARG A 717 -6.37 40.37 13.94
N ILE A 718 -5.54 40.23 12.91
CA ILE A 718 -4.84 38.98 12.67
C ILE A 718 -4.01 38.70 13.91
N PRO A 719 -4.32 37.68 14.70
CA PRO A 719 -3.53 37.42 15.91
C PRO A 719 -2.05 37.22 15.57
N GLN A 720 -1.20 38.00 16.24
CA GLN A 720 0.24 37.84 16.11
C GLN A 720 0.71 36.43 16.46
N ALA A 721 -0.16 35.62 17.06
CA ALA A 721 0.17 34.22 17.30
C ALA A 721 0.37 33.44 16.01
N MET A 722 -0.20 33.93 14.90
CA MET A 722 -0.03 33.25 13.63
C MET A 722 1.38 33.39 13.06
N SER A 723 2.15 34.36 13.56
CA SER A 723 3.56 34.44 13.18
C SER A 723 4.32 33.16 13.52
N ALA A 724 3.75 32.31 14.39
CA ALA A 724 4.36 31.04 14.71
C ALA A 724 4.14 29.99 13.64
N LEU A 725 3.18 30.20 12.73
CA LEU A 725 3.00 29.30 11.60
C LEU A 725 4.21 29.39 10.70
N THR A 726 4.94 28.28 10.55
CA THR A 726 6.18 28.24 9.80
C THR A 726 6.08 27.47 8.50
N MET A 727 4.91 26.90 8.19
CA MET A 727 4.73 26.06 7.01
C MET A 727 3.66 26.58 6.07
N LEU A 728 3.10 27.76 6.33
CA LEU A 728 2.11 28.33 5.43
C LEU A 728 2.71 28.50 4.04
N THR A 729 2.10 27.83 3.06
CA THR A 729 2.41 28.05 1.64
C THR A 729 1.32 28.83 0.92
N GLU A 730 0.13 28.93 1.52
CA GLU A 730 -0.96 29.71 0.95
C GLU A 730 -1.81 30.20 2.11
N ILE A 731 -2.11 31.50 2.10
CA ILE A 731 -3.00 32.12 3.07
C ILE A 731 -3.87 33.09 2.29
N ASP A 732 -5.12 33.24 2.75
CA ASP A 732 -6.05 34.14 2.07
C ASP A 732 -7.04 34.65 3.11
N LEU A 733 -6.96 35.94 3.43
CA LEU A 733 -7.82 36.58 4.41
C LEU A 733 -8.58 37.76 3.80
N SER A 734 -8.72 37.79 2.48
CA SER A 734 -9.28 38.93 1.79
C SER A 734 -10.80 38.96 1.95
N ASN A 735 -11.37 40.14 1.71
CA ASN A 735 -12.81 40.37 1.80
C ASN A 735 -13.33 40.03 3.20
N ASN A 736 -13.04 40.93 4.13
CA ASN A 736 -13.53 40.80 5.49
C ASN A 736 -13.58 42.19 6.12
N ASN A 737 -13.99 42.23 7.39
CA ASN A 737 -13.99 43.45 8.18
C ASN A 737 -12.74 43.57 9.05
N LEU A 738 -11.74 42.75 8.79
CA LEU A 738 -10.54 42.73 9.62
C LEU A 738 -9.92 44.11 9.72
N SER A 739 -9.18 44.32 10.80
CA SER A 739 -8.56 45.61 11.09
C SER A 739 -7.18 45.40 11.70
N GLY A 740 -6.34 46.43 11.58
CA GLY A 740 -5.12 46.49 12.35
C GLY A 740 -3.90 46.02 11.62
N PRO A 741 -2.82 45.78 12.37
CA PRO A 741 -1.55 45.40 11.74
C PRO A 741 -1.52 43.93 11.35
N ILE A 742 -0.67 43.64 10.37
CA ILE A 742 -0.40 42.28 9.93
C ILE A 742 0.87 41.81 10.63
N PRO A 743 0.90 40.60 11.21
CA PRO A 743 2.10 40.16 11.92
C PRO A 743 3.36 40.27 11.09
N GLU A 744 4.27 41.17 11.50
CA GLU A 744 5.49 41.41 10.74
C GLU A 744 6.49 40.26 10.85
N MET A 745 6.35 39.42 11.88
CA MET A 745 7.12 38.19 11.96
C MET A 745 6.40 37.10 11.17
N GLY A 746 6.98 35.90 11.15
CA GLY A 746 6.33 34.83 10.43
C GLY A 746 6.42 34.98 8.93
N GLN A 747 5.39 34.49 8.24
CA GLN A 747 5.41 34.36 6.79
C GLN A 747 4.50 35.36 6.07
N PHE A 748 3.94 36.35 6.78
CA PHE A 748 2.96 37.21 6.14
C PHE A 748 3.60 38.14 5.13
N GLU A 749 4.88 38.49 5.32
CA GLU A 749 5.60 39.29 4.33
C GLU A 749 5.83 38.54 3.04
N THR A 750 5.82 37.19 3.10
CA THR A 750 5.97 36.39 1.89
C THR A 750 4.79 36.57 0.96
N PHE A 751 3.58 36.60 1.51
CA PHE A 751 2.38 36.53 0.69
C PHE A 751 2.09 37.89 0.06
N PRO A 752 1.31 37.91 -1.03
CA PRO A 752 1.12 39.14 -1.78
C PRO A 752 -0.07 39.92 -1.25
N PRO A 753 -0.18 41.20 -1.61
CA PRO A 753 -1.31 42.01 -1.13
C PRO A 753 -2.67 41.37 -1.37
N ALA A 754 -2.85 40.68 -2.50
CA ALA A 754 -4.15 40.11 -2.84
C ALA A 754 -4.75 39.35 -1.67
N LYS A 755 -3.92 38.64 -0.91
CA LYS A 755 -4.40 37.80 0.17
C LYS A 755 -4.85 38.60 1.39
N PHE A 756 -4.75 39.93 1.36
CA PHE A 756 -5.19 40.78 2.45
C PHE A 756 -6.06 41.94 1.97
N LEU A 757 -6.51 41.92 0.72
CA LEU A 757 -7.24 43.06 0.16
C LEU A 757 -8.67 43.09 0.69
N ASN A 758 -9.33 44.22 0.43
CA ASN A 758 -10.72 44.43 0.82
C ASN A 758 -10.91 44.29 2.32
N ASN A 759 -9.90 44.72 3.07
CA ASN A 759 -9.97 44.83 4.54
C ASN A 759 -9.54 46.25 4.88
N PRO A 760 -10.50 47.17 5.01
CA PRO A 760 -10.11 48.59 5.20
C PRO A 760 -9.12 48.82 6.34
N GLY A 761 -9.41 48.33 7.53
CA GLY A 761 -8.55 48.59 8.67
C GLY A 761 -7.15 48.02 8.52
N LEU A 762 -7.00 46.97 7.73
CA LEU A 762 -5.73 46.27 7.65
C LEU A 762 -4.63 47.19 7.09
N CYS A 763 -3.46 47.12 7.72
CA CYS A 763 -2.26 47.80 7.27
C CYS A 763 -1.05 46.93 7.58
N GLY A 764 0.12 47.37 7.12
CA GLY A 764 1.34 46.60 7.33
C GLY A 764 1.76 45.84 6.08
N TYR A 765 3.06 45.78 5.81
CA TYR A 765 3.53 45.10 4.62
C TYR A 765 3.00 43.67 4.59
N PRO A 766 2.53 43.16 3.44
CA PRO A 766 2.56 43.73 2.08
C PRO A 766 1.60 44.90 1.84
N LEU A 767 0.69 45.21 2.76
CA LEU A 767 -0.16 46.39 2.60
C LEU A 767 0.60 47.63 3.02
N PRO A 768 0.07 48.81 2.74
CA PRO A 768 0.76 50.04 3.14
C PRO A 768 0.95 50.10 4.65
N ARG A 769 1.97 50.85 5.07
CA ARG A 769 2.20 51.01 6.49
C ARG A 769 1.01 51.71 7.15
N CYS A 770 0.88 51.51 8.45
CA CYS A 770 -0.23 52.06 9.21
C CYS A 770 -0.04 53.57 9.35
N ASP A 771 -0.83 54.33 8.61
CA ASP A 771 -0.71 55.78 8.57
C ASP A 771 -0.74 56.38 9.97
#